data_9GUJ
#
_entry.id   9GUJ
#
_cell.length_a   165.710
_cell.length_b   165.710
_cell.length_c   177.550
_cell.angle_alpha   90.00
_cell.angle_beta   90.00
_cell.angle_gamma   90.00
#
_symmetry.space_group_name_H-M   'I 4'
#
loop_
_entity.id
_entity.type
_entity.pdbx_description
1 polymer 'Global nitrogen regulator'
2 polymer DNA
3 polymer PipX
4 non-polymer '2-OXOGLUTARIC ACID'
#
loop_
_entity_poly.entity_id
_entity_poly.type
_entity_poly.pdbx_seq_one_letter_code
_entity_poly.pdbx_strand_id
1 'polypeptide(L)'
;MLANENSLLTMFRELGSGKLPLQIEQFERGKTIFFPGDPAERVYLLVKGAVKLSRVYESGEEITVALLRENSVFGVLSLL
TGQRSDRFYHAVAFTPVQLFSVPIEFMQKALIERPELANVMLQGLSSRILQTEMMIETLAHRDMGSRLVSFLLILCRDFG
IPSPDGITIDLKLSHQAIAEAIGSTRVTVTRLLGDLRESKLIAIHKKRITVFNPVALSQQFS
;
D,F,A,B
2 'polydeoxyribonucleotide'
;(DA)(DT)(DT)(DT)(DT)(DT)(DA)(DT)(DG)(DT)(DA)(DT)(DC)(DA)(DG)(DC)(DT)(DG)(DA)(DT)
(DA)(DC)(DA)(DT)(DA)(DA)(DA)(DA)(DA)(DT)
;
G,I,C,E
3 'polypeptide(L)'
;MASENYLNHPTFGLLYQICSFGDSKELFATLYAQRLFFLVAFDARGTRFEPIGRNEARMLVDNRLRQLRRDASLQEYNQL
QQVFKQTFL
;
J,H,K
#
loop_
_chem_comp.id
_chem_comp.type
_chem_comp.name
_chem_comp.formula
AKG non-polymer '2-OXOGLUTARIC ACID' 'C5 H6 O5'
DA DNA linking 2'-DEOXYADENOSINE-5'-MONOPHOSPHATE 'C10 H14 N5 O6 P'
DC DNA linking 2'-DEOXYCYTIDINE-5'-MONOPHOSPHATE 'C9 H14 N3 O7 P'
DG DNA linking 2'-DEOXYGUANOSINE-5'-MONOPHOSPHATE 'C10 H14 N5 O7 P'
DT DNA linking THYMIDINE-5'-MONOPHOSPHATE 'C10 H15 N2 O8 P'
#
# COMPACT_ATOMS: atom_id res chain seq x y z
N SER A 7 -34.98 -27.02 -2.94
CA SER A 7 -34.24 -28.00 -3.79
C SER A 7 -32.74 -27.89 -3.53
N LEU A 8 -32.21 -26.69 -3.25
CA LEU A 8 -30.78 -26.50 -3.05
C LEU A 8 -30.27 -27.37 -1.91
N LEU A 9 -31.02 -27.35 -0.81
CA LEU A 9 -30.72 -28.14 0.37
C LEU A 9 -30.78 -29.64 0.03
N THR A 10 -31.74 -30.01 -0.83
CA THR A 10 -31.99 -31.39 -1.21
C THR A 10 -30.92 -31.89 -2.19
N MET A 11 -30.51 -31.06 -3.16
CA MET A 11 -29.61 -31.48 -4.22
C MET A 11 -28.17 -31.64 -3.71
N PHE A 12 -27.75 -30.73 -2.83
CA PHE A 12 -26.44 -30.77 -2.21
C PHE A 12 -26.24 -31.99 -1.32
N ARG A 13 -27.35 -32.55 -0.84
CA ARG A 13 -27.35 -33.72 0.03
C ARG A 13 -26.77 -34.93 -0.68
N GLU A 14 -26.91 -34.99 -2.01
CA GLU A 14 -26.65 -36.22 -2.73
C GLU A 14 -25.34 -36.17 -3.53
N LEU A 15 -24.42 -35.26 -3.19
CA LEU A 15 -23.16 -35.12 -3.94
C LEU A 15 -21.98 -35.59 -3.07
N GLY A 16 -21.86 -36.92 -2.94
CA GLY A 16 -20.86 -37.50 -2.07
C GLY A 16 -20.63 -38.97 -2.40
N LEU A 20 -22.53 -42.29 -2.10
CA LEU A 20 -22.56 -41.84 -0.68
C LEU A 20 -23.28 -40.50 -0.54
N PRO A 21 -23.73 -40.13 0.67
CA PRO A 21 -24.21 -38.77 0.97
C PRO A 21 -23.09 -37.83 1.39
N LEU A 22 -23.46 -36.57 1.68
CA LEU A 22 -22.49 -35.55 2.06
C LEU A 22 -22.85 -34.99 3.44
N GLN A 23 -21.84 -34.91 4.30
CA GLN A 23 -22.08 -34.59 5.70
C GLN A 23 -22.25 -33.10 5.88
N ILE A 24 -23.19 -32.71 6.76
CA ILE A 24 -23.37 -31.32 7.11
C ILE A 24 -22.25 -30.92 8.06
N GLU A 25 -21.45 -29.92 7.64
CA GLU A 25 -20.41 -29.34 8.48
C GLU A 25 -21.02 -28.37 9.47
N GLN A 26 -20.59 -28.51 10.73
CA GLN A 26 -21.03 -27.64 11.81
C GLN A 26 -19.94 -26.61 12.09
N PHE A 27 -20.36 -25.37 12.36
CA PHE A 27 -19.45 -24.32 12.78
C PHE A 27 -20.11 -23.45 13.85
N GLU A 28 -19.33 -23.08 14.87
CA GLU A 28 -19.78 -22.23 15.97
C GLU A 28 -19.63 -20.74 15.61
N ARG A 29 -20.14 -19.89 16.51
CA ARG A 29 -20.21 -18.45 16.30
C ARG A 29 -18.82 -17.83 16.19
N GLY A 30 -18.58 -17.07 15.11
CA GLY A 30 -17.33 -16.36 14.91
C GLY A 30 -16.27 -17.18 14.17
N LYS A 31 -16.53 -18.48 13.94
CA LYS A 31 -15.59 -19.38 13.28
C LYS A 31 -15.39 -19.01 11.81
N THR A 32 -14.14 -19.03 11.34
CA THR A 32 -13.87 -18.70 9.96
C THR A 32 -14.01 -19.96 9.10
N ILE A 33 -14.56 -19.76 7.89
CA ILE A 33 -14.74 -20.83 6.92
C ILE A 33 -13.55 -20.84 5.96
N PHE A 34 -13.24 -19.71 5.31
CA PHE A 34 -12.02 -19.64 4.52
C PHE A 34 -11.31 -18.27 4.64
N PHE A 35 -10.00 -18.31 4.42
CA PHE A 35 -9.14 -17.14 4.55
C PHE A 35 -8.59 -16.78 3.20
N PRO A 36 -8.14 -15.52 3.01
CA PRO A 36 -7.37 -15.15 1.83
C PRO A 36 -6.05 -15.89 1.76
N GLY A 37 -5.76 -16.51 0.63
CA GLY A 37 -4.55 -17.32 0.49
C GLY A 37 -4.85 -18.81 0.30
N ASP A 38 -6.06 -19.23 0.67
CA ASP A 38 -6.52 -20.60 0.48
C ASP A 38 -6.85 -20.81 -0.99
N PRO A 39 -6.46 -21.96 -1.58
CA PRO A 39 -6.88 -22.28 -2.93
C PRO A 39 -8.38 -22.49 -3.01
N ALA A 40 -8.99 -21.79 -3.97
CA ALA A 40 -10.41 -21.85 -4.22
C ALA A 40 -10.72 -23.15 -4.94
N GLU A 41 -11.07 -24.18 -4.18
CA GLU A 41 -11.38 -25.47 -4.76
C GLU A 41 -12.77 -25.96 -4.36
N ARG A 42 -13.52 -25.15 -3.60
CA ARG A 42 -14.77 -25.60 -3.00
C ARG A 42 -15.93 -24.65 -3.35
N VAL A 43 -17.13 -25.21 -3.42
CA VAL A 43 -18.36 -24.46 -3.60
C VAL A 43 -19.25 -24.69 -2.41
N TYR A 44 -19.78 -23.61 -1.82
CA TYR A 44 -20.45 -23.70 -0.53
C TYR A 44 -21.95 -23.46 -0.68
N LEU A 45 -22.71 -23.95 0.31
CA LEU A 45 -24.11 -23.62 0.45
C LEU A 45 -24.50 -23.50 1.92
N LEU A 46 -24.83 -22.27 2.34
CA LEU A 46 -25.31 -21.96 3.69
C LEU A 46 -26.71 -22.56 3.87
N VAL A 47 -26.92 -23.28 4.98
CA VAL A 47 -28.18 -23.93 5.25
C VAL A 47 -28.94 -23.22 6.37
N LYS A 48 -28.28 -23.04 7.52
CA LYS A 48 -28.88 -22.32 8.63
C LYS A 48 -27.96 -21.24 9.19
N GLY A 49 -28.51 -20.03 9.40
CA GLY A 49 -27.76 -18.93 10.00
C GLY A 49 -27.29 -17.89 8.98
N ALA A 50 -26.15 -17.24 9.27
CA ALA A 50 -25.70 -16.10 8.48
C ALA A 50 -24.19 -16.15 8.31
N VAL A 51 -23.72 -15.74 7.13
CA VAL A 51 -22.29 -15.74 6.81
C VAL A 51 -21.88 -14.32 6.42
N LYS A 52 -20.81 -13.83 7.04
CA LYS A 52 -20.26 -12.55 6.71
C LYS A 52 -19.04 -12.69 5.82
N LEU A 53 -19.11 -12.12 4.63
CA LEU A 53 -17.96 -12.01 3.74
C LEU A 53 -17.37 -10.62 3.90
N SER A 54 -16.06 -10.56 4.16
CA SER A 54 -15.41 -9.29 4.39
C SER A 54 -14.03 -9.23 3.74
N ARG A 55 -13.63 -8.02 3.42
CA ARG A 55 -12.31 -7.72 2.91
C ARG A 55 -11.50 -7.15 4.05
N VAL A 56 -10.22 -7.55 4.11
CA VAL A 56 -9.30 -7.04 5.10
C VAL A 56 -8.20 -6.27 4.38
N TYR A 57 -8.00 -5.05 4.85
CA TYR A 57 -6.89 -4.22 4.40
C TYR A 57 -5.70 -4.47 5.33
N GLU A 58 -4.50 -4.07 4.90
CA GLU A 58 -3.33 -4.26 5.75
C GLU A 58 -3.33 -3.21 6.86
N SER A 59 -4.06 -2.10 6.69
CA SER A 59 -4.27 -1.13 7.75
C SER A 59 -5.07 -1.71 8.92
N GLY A 60 -5.65 -2.90 8.74
CA GLY A 60 -6.38 -3.60 9.78
C GLY A 60 -7.89 -3.40 9.66
N GLU A 61 -8.31 -2.77 8.56
CA GLU A 61 -9.68 -2.35 8.35
C GLU A 61 -10.51 -3.44 7.66
N GLU A 62 -11.73 -3.67 8.18
CA GLU A 62 -12.65 -4.63 7.63
C GLU A 62 -13.80 -3.95 6.89
N ILE A 63 -14.15 -4.52 5.73
CA ILE A 63 -15.27 -4.05 4.91
C ILE A 63 -16.16 -5.23 4.59
N THR A 64 -17.42 -5.14 4.98
CA THR A 64 -18.37 -6.21 4.72
C THR A 64 -18.83 -6.13 3.26
N VAL A 65 -18.68 -7.24 2.53
CA VAL A 65 -19.09 -7.32 1.14
C VAL A 65 -20.57 -7.66 1.09
N ALA A 66 -20.93 -8.77 1.75
CA ALA A 66 -22.34 -9.15 1.86
C ALA A 66 -22.55 -9.97 3.12
N LEU A 67 -23.76 -9.91 3.66
CA LEU A 67 -24.15 -10.74 4.78
C LEU A 67 -25.18 -11.75 4.29
N LEU A 68 -24.73 -12.99 4.04
CA LEU A 68 -25.50 -13.96 3.27
C LEU A 68 -26.52 -14.67 4.16
N ARG A 69 -27.63 -15.09 3.51
CA ARG A 69 -28.74 -15.75 4.18
C ARG A 69 -28.83 -17.21 3.76
N GLU A 70 -29.80 -17.93 4.32
CA GLU A 70 -30.01 -19.35 4.10
C GLU A 70 -30.23 -19.66 2.60
N ASN A 71 -29.78 -20.85 2.18
CA ASN A 71 -29.90 -21.37 0.82
C ASN A 71 -29.18 -20.49 -0.20
N SER A 72 -28.03 -19.90 0.21
CA SER A 72 -27.21 -19.06 -0.66
C SER A 72 -25.95 -19.80 -1.08
N VAL A 73 -25.53 -19.60 -2.32
CA VAL A 73 -24.32 -20.21 -2.85
C VAL A 73 -23.18 -19.20 -2.77
N PHE A 74 -22.05 -19.61 -2.16
CA PHE A 74 -20.85 -18.79 -2.19
C PHE A 74 -19.61 -19.67 -2.39
N GLY A 75 -18.44 -19.03 -2.35
CA GLY A 75 -17.21 -19.68 -2.74
C GLY A 75 -17.15 -19.82 -4.25
N VAL A 76 -17.59 -18.76 -4.92
CA VAL A 76 -17.88 -18.80 -6.34
C VAL A 76 -16.63 -18.72 -7.21
N LEU A 77 -15.46 -18.37 -6.64
CA LEU A 77 -14.24 -18.22 -7.42
C LEU A 77 -13.82 -19.56 -8.01
N SER A 78 -14.10 -20.65 -7.28
CA SER A 78 -13.70 -21.98 -7.69
C SER A 78 -14.22 -22.39 -9.07
N LEU A 79 -15.22 -21.68 -9.57
CA LEU A 79 -15.86 -22.02 -10.82
C LEU A 79 -15.11 -21.43 -12.02
N LEU A 80 -14.09 -20.60 -11.77
CA LEU A 80 -13.45 -19.80 -12.82
C LEU A 80 -12.21 -20.47 -13.39
N THR A 81 -11.30 -20.93 -12.53
CA THR A 81 -10.09 -21.64 -12.97
C THR A 81 -9.94 -23.01 -12.29
N GLY A 82 -10.73 -23.22 -11.24
CA GLY A 82 -10.62 -24.39 -10.38
C GLY A 82 -9.73 -24.06 -9.19
N GLN A 83 -9.02 -25.09 -8.73
CA GLN A 83 -8.14 -24.99 -7.57
C GLN A 83 -7.02 -23.94 -7.78
N ARG A 84 -6.88 -23.47 -9.02
CA ARG A 84 -5.75 -22.65 -9.44
C ARG A 84 -5.67 -21.30 -8.75
N SER A 85 -6.84 -20.70 -8.42
CA SER A 85 -6.88 -19.35 -7.86
C SER A 85 -6.92 -19.40 -6.33
N ASP A 86 -6.37 -18.34 -5.70
CA ASP A 86 -6.40 -18.21 -4.25
C ASP A 86 -7.40 -17.13 -3.83
N ARG A 87 -8.16 -17.43 -2.76
CA ARG A 87 -9.19 -16.54 -2.24
C ARG A 87 -8.60 -15.19 -1.81
N PHE A 88 -9.49 -14.20 -1.61
CA PHE A 88 -9.07 -12.91 -1.08
C PHE A 88 -10.08 -12.27 -0.13
N TYR A 89 -11.23 -12.92 0.11
CA TYR A 89 -12.17 -12.42 1.10
C TYR A 89 -12.13 -13.29 2.35
N HIS A 90 -12.77 -12.82 3.42
CA HIS A 90 -12.75 -13.50 4.70
C HIS A 90 -14.14 -14.02 4.98
N ALA A 91 -14.34 -15.33 4.79
CA ALA A 91 -15.63 -15.95 5.03
C ALA A 91 -15.76 -16.38 6.49
N VAL A 92 -16.58 -15.67 7.24
CA VAL A 92 -16.72 -15.88 8.68
C VAL A 92 -18.18 -16.20 8.99
N ALA A 93 -18.39 -17.17 9.86
CA ALA A 93 -19.72 -17.48 10.35
C ALA A 93 -20.17 -16.40 11.32
N PHE A 94 -21.03 -15.50 10.87
CA PHE A 94 -21.51 -14.40 11.69
C PHE A 94 -22.40 -14.92 12.81
N THR A 95 -23.07 -16.05 12.56
CA THR A 95 -23.92 -16.68 13.57
C THR A 95 -23.57 -18.16 13.65
N PRO A 96 -24.17 -18.94 14.58
CA PRO A 96 -24.13 -20.40 14.50
C PRO A 96 -24.62 -20.89 13.15
N VAL A 97 -23.84 -21.75 12.47
CA VAL A 97 -24.03 -21.99 11.05
C VAL A 97 -23.86 -23.46 10.65
N GLN A 98 -24.73 -23.89 9.73
CA GLN A 98 -24.64 -25.20 9.11
C GLN A 98 -24.35 -24.99 7.64
N LEU A 99 -23.38 -25.76 7.08
CA LEU A 99 -23.09 -25.62 5.66
C LEU A 99 -22.71 -26.93 4.96
N PHE A 100 -22.83 -26.90 3.64
CA PHE A 100 -22.32 -27.93 2.76
C PHE A 100 -21.08 -27.40 2.05
N SER A 101 -20.18 -28.29 1.68
CA SER A 101 -18.90 -27.87 1.13
C SER A 101 -18.36 -28.90 0.14
N VAL A 102 -18.86 -28.86 -1.09
CA VAL A 102 -18.46 -29.82 -2.11
C VAL A 102 -17.34 -29.25 -2.96
N PRO A 103 -16.33 -30.08 -3.30
CA PRO A 103 -15.24 -29.69 -4.19
C PRO A 103 -15.65 -29.46 -5.64
N ILE A 104 -14.76 -28.77 -6.37
CA ILE A 104 -14.99 -28.36 -7.76
C ILE A 104 -14.96 -29.57 -8.70
N GLU A 105 -14.04 -30.51 -8.46
CA GLU A 105 -13.86 -31.68 -9.31
C GLU A 105 -15.00 -32.69 -9.15
N PHE A 106 -15.58 -32.80 -7.95
CA PHE A 106 -16.78 -33.59 -7.75
C PHE A 106 -18.02 -32.86 -8.24
N MET A 107 -17.92 -31.54 -8.43
CA MET A 107 -19.03 -30.75 -8.93
C MET A 107 -19.11 -30.87 -10.45
N GLN A 108 -17.94 -30.89 -11.10
CA GLN A 108 -17.86 -31.13 -12.52
C GLN A 108 -18.62 -32.40 -12.91
N LYS A 109 -18.48 -33.43 -12.07
CA LYS A 109 -19.23 -34.68 -12.19
C LYS A 109 -20.72 -34.45 -11.91
N ALA A 110 -21.03 -33.75 -10.82
CA ALA A 110 -22.38 -33.69 -10.25
C ALA A 110 -23.35 -32.87 -11.09
N LEU A 111 -22.81 -31.91 -11.86
CA LEU A 111 -23.65 -31.05 -12.68
C LEU A 111 -24.07 -31.75 -13.95
N ILE A 112 -23.16 -32.51 -14.59
CA ILE A 112 -23.49 -33.29 -15.78
C ILE A 112 -24.29 -34.54 -15.38
N GLU A 113 -24.12 -34.99 -14.13
CA GLU A 113 -24.93 -36.04 -13.55
C GLU A 113 -26.39 -35.60 -13.43
N ARG A 114 -26.63 -34.50 -12.69
CA ARG A 114 -27.96 -33.96 -12.52
C ARG A 114 -28.11 -32.61 -13.24
N PRO A 115 -28.86 -32.59 -14.37
CA PRO A 115 -29.30 -31.34 -15.00
C PRO A 115 -30.39 -30.65 -14.20
N GLU A 116 -30.95 -31.35 -13.19
CA GLU A 116 -31.92 -30.77 -12.29
C GLU A 116 -31.22 -29.81 -11.35
N LEU A 117 -30.03 -30.19 -10.86
CA LEU A 117 -29.28 -29.35 -9.94
C LEU A 117 -28.64 -28.18 -10.68
N ALA A 118 -28.26 -28.34 -11.94
CA ALA A 118 -27.74 -27.25 -12.73
C ALA A 118 -28.72 -26.08 -12.79
N ASN A 119 -30.00 -26.40 -12.93
CA ASN A 119 -31.07 -25.41 -12.87
C ASN A 119 -31.12 -24.79 -11.49
N VAL A 120 -31.12 -25.63 -10.45
CA VAL A 120 -31.23 -25.18 -9.06
C VAL A 120 -30.01 -24.36 -8.67
N MET A 121 -28.87 -24.65 -9.28
CA MET A 121 -27.64 -23.92 -8.99
C MET A 121 -27.66 -22.54 -9.64
N LEU A 122 -28.00 -22.47 -10.94
CA LEU A 122 -28.04 -21.20 -11.63
C LEU A 122 -29.09 -20.28 -11.01
N GLN A 123 -30.13 -20.88 -10.42
CA GLN A 123 -31.10 -20.15 -9.61
C GLN A 123 -30.39 -19.47 -8.44
N GLY A 124 -29.55 -20.24 -7.73
CA GLY A 124 -28.80 -19.76 -6.59
C GLY A 124 -27.87 -18.60 -6.96
N LEU A 125 -27.11 -18.76 -8.05
CA LEU A 125 -26.13 -17.78 -8.50
C LEU A 125 -26.82 -16.49 -8.92
N SER A 126 -27.97 -16.61 -9.59
CA SER A 126 -28.72 -15.46 -10.02
C SER A 126 -29.09 -14.59 -8.81
N SER A 127 -29.69 -15.25 -7.81
CA SER A 127 -30.11 -14.60 -6.57
C SER A 127 -28.97 -13.79 -5.97
N ARG A 128 -27.75 -14.33 -6.03
CA ARG A 128 -26.58 -13.68 -5.48
C ARG A 128 -26.32 -12.36 -6.21
N ILE A 129 -26.33 -12.40 -7.55
CA ILE A 129 -26.05 -11.21 -8.31
C ILE A 129 -26.99 -10.12 -7.86
N LEU A 130 -28.29 -10.41 -7.84
CA LEU A 130 -29.32 -9.43 -7.52
C LEU A 130 -29.16 -8.88 -6.09
N GLN A 131 -28.94 -9.77 -5.11
CA GLN A 131 -28.80 -9.36 -3.72
C GLN A 131 -27.60 -8.45 -3.56
N THR A 132 -26.50 -8.74 -4.30
CA THR A 132 -25.29 -7.93 -4.29
C THR A 132 -25.55 -6.60 -4.99
N GLU A 133 -26.34 -6.63 -6.04
CA GLU A 133 -26.70 -5.43 -6.77
C GLU A 133 -27.66 -4.57 -5.94
N MET A 134 -28.53 -5.24 -5.17
CA MET A 134 -29.45 -4.55 -4.28
C MET A 134 -28.66 -3.73 -3.26
N MET A 135 -27.53 -4.27 -2.83
CA MET A 135 -26.66 -3.60 -1.86
C MET A 135 -26.04 -2.38 -2.51
N ILE A 136 -25.74 -2.45 -3.81
CA ILE A 136 -25.18 -1.32 -4.53
C ILE A 136 -26.15 -0.15 -4.47
N GLU A 137 -27.44 -0.41 -4.70
CA GLU A 137 -28.48 0.62 -4.56
C GLU A 137 -28.37 1.30 -3.20
N THR A 138 -28.31 0.50 -2.13
CA THR A 138 -28.25 1.00 -0.76
C THR A 138 -27.10 1.97 -0.58
N LEU A 139 -25.88 1.54 -0.92
CA LEU A 139 -24.70 2.34 -0.66
C LEU A 139 -24.54 3.49 -1.66
N ALA A 140 -25.29 3.46 -2.78
CA ALA A 140 -25.25 4.56 -3.76
C ALA A 140 -26.09 5.75 -3.29
N HIS A 141 -26.66 5.64 -2.10
CA HIS A 141 -27.34 6.72 -1.44
C HIS A 141 -26.35 7.82 -1.08
N ARG A 142 -26.90 8.99 -0.81
CA ARG A 142 -26.11 10.17 -0.47
C ARG A 142 -26.33 10.42 1.03
N ASP A 143 -27.61 10.47 1.42
CA ASP A 143 -28.02 10.67 2.80
C ASP A 143 -27.69 9.40 3.58
N MET A 144 -26.82 9.53 4.59
CA MET A 144 -26.44 8.40 5.43
C MET A 144 -27.66 7.86 6.19
N GLY A 145 -28.60 8.76 6.52
CA GLY A 145 -29.87 8.35 7.10
C GLY A 145 -30.66 7.41 6.17
N SER A 146 -30.81 7.84 4.91
CA SER A 146 -31.49 7.05 3.88
C SER A 146 -30.73 5.74 3.64
N ARG A 147 -29.40 5.84 3.60
CA ARG A 147 -28.55 4.69 3.35
C ARG A 147 -28.70 3.63 4.45
N LEU A 148 -28.79 4.06 5.70
CA LEU A 148 -28.87 3.14 6.83
C LEU A 148 -30.19 2.37 6.79
N VAL A 149 -31.31 3.09 6.59
CA VAL A 149 -32.63 2.49 6.57
C VAL A 149 -32.72 1.46 5.44
N SER A 150 -32.20 1.82 4.25
CA SER A 150 -32.17 0.95 3.10
C SER A 150 -31.52 -0.37 3.48
N PHE A 151 -30.37 -0.29 4.17
CA PHE A 151 -29.66 -1.47 4.64
C PHE A 151 -30.48 -2.24 5.66
N LEU A 152 -31.11 -1.52 6.60
CA LEU A 152 -31.94 -2.12 7.63
C LEU A 152 -33.06 -2.91 6.99
N LEU A 153 -33.63 -2.40 5.89
CA LEU A 153 -34.72 -3.05 5.19
C LEU A 153 -34.27 -4.40 4.64
N ILE A 154 -33.05 -4.47 4.13
CA ILE A 154 -32.51 -5.72 3.61
C ILE A 154 -32.37 -6.72 4.74
N LEU A 155 -31.85 -6.26 5.88
CA LEU A 155 -31.69 -7.08 7.07
C LEU A 155 -33.05 -7.66 7.48
N CYS A 156 -34.07 -6.81 7.53
CA CYS A 156 -35.42 -7.20 7.90
C CYS A 156 -35.98 -8.20 6.88
N ARG A 157 -35.58 -8.06 5.62
CA ARG A 157 -36.04 -8.95 4.58
C ARG A 157 -35.41 -10.33 4.71
N ASP A 158 -34.15 -10.37 5.10
CA ASP A 158 -33.38 -11.61 5.10
C ASP A 158 -33.39 -12.28 6.47
N PHE A 159 -33.45 -11.50 7.55
CA PHE A 159 -33.25 -12.06 8.88
C PHE A 159 -34.37 -11.66 9.84
N GLY A 160 -35.33 -10.85 9.40
CA GLY A 160 -36.37 -10.33 10.30
C GLY A 160 -37.42 -11.37 10.61
N ILE A 161 -37.85 -11.41 11.86
CA ILE A 161 -38.92 -12.30 12.29
C ILE A 161 -40.12 -11.47 12.74
N PRO A 162 -41.34 -12.00 12.51
CA PRO A 162 -42.56 -11.33 12.97
C PRO A 162 -42.56 -11.11 14.48
N SER A 163 -43.03 -9.93 14.90
CA SER A 163 -42.96 -9.54 16.30
C SER A 163 -44.25 -8.86 16.73
N PRO A 164 -44.55 -8.88 18.06
CA PRO A 164 -45.69 -8.18 18.65
C PRO A 164 -46.03 -6.80 18.08
N ASP A 165 -45.03 -5.93 17.93
CA ASP A 165 -45.27 -4.55 17.54
C ASP A 165 -44.58 -4.19 16.21
N GLY A 166 -43.72 -5.07 15.69
CA GLY A 166 -43.01 -4.77 14.46
C GLY A 166 -42.31 -6.00 13.88
N ILE A 167 -41.11 -5.77 13.31
CA ILE A 167 -40.26 -6.85 12.84
C ILE A 167 -38.88 -6.75 13.51
N THR A 168 -38.56 -7.76 14.34
CA THR A 168 -37.27 -7.85 14.98
C THR A 168 -36.30 -8.58 14.06
N ILE A 169 -35.19 -7.96 13.73
CA ILE A 169 -34.18 -8.59 12.89
C ILE A 169 -33.50 -9.68 13.72
N ASP A 170 -33.75 -10.94 13.36
CA ASP A 170 -33.36 -12.08 14.15
C ASP A 170 -31.87 -12.35 14.01
N LEU A 171 -31.08 -11.41 14.53
CA LEU A 171 -29.65 -11.64 14.72
C LEU A 171 -29.06 -10.42 15.43
N LYS A 172 -28.04 -10.68 16.24
CA LYS A 172 -27.38 -9.62 16.98
C LYS A 172 -26.29 -9.04 16.10
N LEU A 173 -26.32 -7.71 15.94
CA LEU A 173 -25.37 -6.97 15.12
C LEU A 173 -24.70 -5.87 15.93
N SER A 174 -23.38 -5.76 15.81
CA SER A 174 -22.63 -4.67 16.43
C SER A 174 -22.71 -3.45 15.53
N HIS A 175 -22.83 -2.27 16.13
CA HIS A 175 -22.87 -1.06 15.31
C HIS A 175 -21.73 -1.11 14.31
N GLN A 176 -20.55 -1.52 14.80
CA GLN A 176 -19.38 -1.60 13.96
C GLN A 176 -19.68 -2.50 12.76
N ALA A 177 -20.17 -3.73 13.03
CA ALA A 177 -20.49 -4.64 11.93
C ALA A 177 -21.34 -3.89 10.93
N ILE A 178 -22.40 -3.26 11.44
CA ILE A 178 -23.30 -2.46 10.63
C ILE A 178 -22.49 -1.38 9.93
N ALA A 179 -21.68 -0.65 10.71
CA ALA A 179 -20.93 0.45 10.15
C ALA A 179 -20.03 -0.04 9.01
N GLU A 180 -19.27 -1.10 9.29
CA GLU A 180 -18.32 -1.62 8.30
C GLU A 180 -19.10 -1.90 7.02
N ALA A 181 -20.33 -2.42 7.18
CA ALA A 181 -21.20 -2.75 6.06
C ALA A 181 -21.69 -1.49 5.36
N ILE A 182 -22.06 -0.45 6.11
CA ILE A 182 -22.57 0.77 5.48
C ILE A 182 -21.44 1.77 5.21
N GLY A 183 -20.19 1.40 5.56
CA GLY A 183 -19.04 2.28 5.37
C GLY A 183 -19.13 3.63 6.10
N SER A 184 -19.27 3.57 7.43
CA SER A 184 -19.33 4.77 8.25
C SER A 184 -18.81 4.49 9.66
N THR A 185 -18.94 5.46 10.56
CA THR A 185 -18.50 5.34 11.94
C THR A 185 -19.60 4.72 12.79
N ARG A 186 -19.19 3.83 13.69
CA ARG A 186 -20.14 3.18 14.59
C ARG A 186 -21.00 4.22 15.32
N VAL A 187 -20.34 5.33 15.69
CA VAL A 187 -21.04 6.42 16.34
C VAL A 187 -22.21 6.84 15.46
N THR A 188 -21.88 7.19 14.21
CA THR A 188 -22.90 7.66 13.29
C THR A 188 -24.05 6.66 13.29
N VAL A 189 -23.71 5.38 13.24
CA VAL A 189 -24.72 4.33 13.28
C VAL A 189 -25.66 4.61 14.45
N THR A 190 -25.10 4.65 15.68
CA THR A 190 -25.90 4.88 16.88
C THR A 190 -26.62 6.22 16.80
N ARG A 191 -25.83 7.24 16.48
CA ARG A 191 -26.32 8.61 16.37
C ARG A 191 -27.64 8.60 15.59
N LEU A 192 -27.59 8.03 14.37
CA LEU A 192 -28.75 7.97 13.50
C LEU A 192 -29.85 7.13 14.14
N LEU A 193 -29.46 5.98 14.71
CA LEU A 193 -30.40 5.09 15.37
C LEU A 193 -31.11 5.87 16.44
N GLY A 194 -30.35 6.53 17.32
CA GLY A 194 -30.94 7.37 18.35
C GLY A 194 -32.01 8.29 17.77
N ASP A 195 -31.75 8.84 16.57
CA ASP A 195 -32.66 9.80 15.96
C ASP A 195 -33.92 9.12 15.40
N LEU A 196 -33.81 7.84 15.04
CA LEU A 196 -34.98 7.07 14.64
C LEU A 196 -35.72 6.56 15.87
N ARG A 197 -35.03 6.53 17.00
CA ARG A 197 -35.73 6.13 18.23
C ARG A 197 -36.60 7.31 18.67
N GLU A 198 -36.09 8.52 18.55
CA GLU A 198 -36.84 9.72 18.91
C GLU A 198 -38.02 9.90 17.96
N SER A 199 -37.82 9.51 16.68
CA SER A 199 -38.90 9.46 15.70
C SER A 199 -39.75 8.20 15.89
N LYS A 200 -39.29 7.32 16.80
CA LYS A 200 -39.88 6.06 17.21
C LYS A 200 -40.27 5.17 16.04
N LEU A 201 -39.32 4.99 15.13
CA LEU A 201 -39.47 4.08 14.01
C LEU A 201 -38.84 2.73 14.32
N ILE A 202 -37.95 2.68 15.34
CA ILE A 202 -37.30 1.45 15.74
C ILE A 202 -37.26 1.34 17.26
N ALA A 203 -37.01 0.09 17.71
CA ALA A 203 -36.73 -0.22 19.10
C ALA A 203 -35.67 -1.31 19.17
N ILE A 204 -34.78 -1.19 20.14
CA ILE A 204 -33.73 -2.18 20.35
C ILE A 204 -34.06 -2.99 21.60
N HIS A 205 -34.51 -4.23 21.36
CA HIS A 205 -34.89 -5.13 22.43
C HIS A 205 -34.01 -6.36 22.36
N LYS A 206 -33.30 -6.62 23.46
CA LYS A 206 -32.27 -7.64 23.54
C LYS A 206 -31.22 -7.43 22.43
N LYS A 207 -30.77 -6.19 22.21
CA LYS A 207 -29.71 -5.84 21.26
C LYS A 207 -30.11 -6.15 19.81
N ARG A 208 -31.40 -6.37 19.57
CA ARG A 208 -31.90 -6.66 18.23
C ARG A 208 -32.72 -5.48 17.72
N ILE A 209 -32.51 -5.14 16.45
CA ILE A 209 -33.19 -4.01 15.84
C ILE A 209 -34.62 -4.40 15.46
N THR A 210 -35.59 -3.55 15.81
CA THR A 210 -36.99 -3.82 15.52
C THR A 210 -37.61 -2.61 14.84
N VAL A 211 -38.12 -2.81 13.61
CA VAL A 211 -38.73 -1.74 12.85
C VAL A 211 -40.23 -1.71 13.11
N PHE A 212 -40.77 -0.50 13.19
CA PHE A 212 -42.21 -0.27 13.24
C PHE A 212 -42.71 -0.04 11.82
N ASN A 213 -43.58 -0.94 11.33
CA ASN A 213 -44.19 -0.83 10.01
C ASN A 213 -43.11 -0.70 8.94
N PRO A 214 -42.60 -1.84 8.42
CA PRO A 214 -41.56 -1.81 7.40
C PRO A 214 -41.99 -1.14 6.11
N VAL A 215 -43.27 -1.29 5.77
CA VAL A 215 -43.84 -0.66 4.59
C VAL A 215 -43.70 0.87 4.69
N ALA A 216 -43.95 1.48 5.86
CA ALA A 216 -43.91 2.93 6.04
C ALA A 216 -42.51 3.49 5.76
N LEU A 217 -41.48 2.73 6.17
CA LEU A 217 -40.10 3.16 5.98
C LEU A 217 -39.73 3.13 4.50
N SER A 218 -40.23 2.12 3.78
CA SER A 218 -39.97 1.92 2.35
C SER A 218 -40.65 3.00 1.51
N GLN A 219 -41.80 3.50 1.99
CA GLN A 219 -42.54 4.54 1.29
C GLN A 219 -41.74 5.84 1.22
N GLN A 220 -40.73 5.98 2.09
CA GLN A 220 -39.86 7.15 2.11
C GLN A 220 -38.84 7.04 0.98
N PHE A 221 -38.88 5.94 0.19
CA PHE A 221 -37.95 5.72 -0.91
C PHE A 221 -38.70 5.62 -2.22
N SER A 222 -39.58 6.61 -2.45
CA SER A 222 -40.32 6.73 -3.70
C SER A 222 -39.45 7.35 -4.81
N ASN B 6 -13.72 -15.32 -24.23
CA ASN B 6 -13.09 -16.01 -25.39
C ASN B 6 -14.15 -16.87 -26.07
N SER B 7 -14.63 -17.90 -25.36
CA SER B 7 -15.54 -18.89 -25.90
C SER B 7 -16.97 -18.36 -25.92
N LEU B 8 -17.28 -17.43 -25.00
CA LEU B 8 -18.61 -16.89 -24.85
C LEU B 8 -19.10 -16.27 -26.15
N LEU B 9 -18.23 -15.49 -26.81
CA LEU B 9 -18.60 -14.85 -28.08
C LEU B 9 -18.81 -15.90 -29.16
N THR B 10 -18.01 -16.99 -29.10
CA THR B 10 -18.07 -18.06 -30.07
C THR B 10 -19.31 -18.94 -29.87
N MET B 11 -19.67 -19.22 -28.61
CA MET B 11 -20.74 -20.15 -28.29
C MET B 11 -22.11 -19.53 -28.56
N PHE B 12 -22.27 -18.26 -28.24
CA PHE B 12 -23.51 -17.53 -28.48
C PHE B 12 -23.82 -17.36 -29.97
N ARG B 13 -22.79 -17.48 -30.80
CA ARG B 13 -22.88 -17.35 -32.24
C ARG B 13 -23.74 -18.47 -32.83
N GLU B 14 -23.74 -19.64 -32.17
CA GLU B 14 -24.30 -20.85 -32.78
C GLU B 14 -25.69 -21.19 -32.24
N LEU B 15 -26.37 -20.24 -31.56
CA LEU B 15 -27.71 -20.46 -31.05
C LEU B 15 -28.70 -19.65 -31.88
N GLY B 16 -28.83 -19.97 -33.19
CA GLY B 16 -29.37 -19.05 -34.20
C GLY B 16 -30.87 -19.11 -34.51
N SER B 17 -31.36 -18.05 -35.21
CA SER B 17 -32.74 -17.86 -35.62
C SER B 17 -33.29 -19.03 -36.44
N GLY B 18 -32.42 -19.65 -37.25
CA GLY B 18 -32.70 -20.95 -37.84
C GLY B 18 -32.19 -22.07 -36.94
N LEU B 20 -28.99 -22.11 -39.05
CA LEU B 20 -28.51 -20.70 -39.12
C LEU B 20 -27.71 -20.34 -37.86
N PRO B 21 -26.93 -19.24 -37.94
CA PRO B 21 -26.44 -18.51 -36.77
C PRO B 21 -27.47 -17.53 -36.21
N LEU B 22 -27.07 -16.82 -35.15
CA LEU B 22 -27.88 -15.73 -34.66
C LEU B 22 -27.18 -14.42 -35.00
N GLN B 23 -27.98 -13.48 -35.50
CA GLN B 23 -27.46 -12.20 -35.97
C GLN B 23 -27.09 -11.31 -34.79
N ILE B 24 -26.01 -10.57 -35.02
CA ILE B 24 -25.52 -9.59 -34.08
C ILE B 24 -26.44 -8.38 -34.11
N GLU B 25 -27.10 -8.10 -32.97
CA GLU B 25 -28.01 -6.98 -32.87
C GLU B 25 -27.23 -5.69 -32.65
N GLN B 26 -27.61 -4.67 -33.41
CA GLN B 26 -26.97 -3.37 -33.33
C GLN B 26 -27.83 -2.43 -32.49
N PHE B 27 -27.15 -1.69 -31.61
CA PHE B 27 -27.79 -0.67 -30.81
C PHE B 27 -26.97 0.62 -30.86
N GLU B 28 -27.67 1.74 -31.10
CA GLU B 28 -27.08 3.07 -31.15
C GLU B 28 -26.92 3.65 -29.73
N ARG B 29 -26.23 4.80 -29.65
CA ARG B 29 -25.88 5.39 -28.36
C ARG B 29 -27.13 5.91 -27.65
N GLY B 30 -27.33 5.49 -26.41
CA GLY B 30 -28.43 5.98 -25.59
C GLY B 30 -29.67 5.10 -25.69
N LYS B 31 -29.67 4.10 -26.61
CA LYS B 31 -30.85 3.26 -26.81
C LYS B 31 -31.05 2.31 -25.65
N THR B 32 -32.31 2.12 -25.24
CA THR B 32 -32.61 1.20 -24.14
C THR B 32 -32.79 -0.20 -24.71
N ILE B 33 -32.28 -1.20 -23.96
CA ILE B 33 -32.40 -2.61 -24.36
C ILE B 33 -33.62 -3.21 -23.67
N PHE B 34 -33.75 -3.06 -22.34
CA PHE B 34 -35.01 -3.44 -21.70
C PHE B 34 -35.44 -2.47 -20.62
N PHE B 35 -36.76 -2.36 -20.47
CA PHE B 35 -37.39 -1.46 -19.52
C PHE B 35 -37.98 -2.24 -18.37
N PRO B 36 -38.29 -1.57 -17.25
CA PRO B 36 -39.05 -2.19 -16.17
C PRO B 36 -40.47 -2.51 -16.63
N GLY B 37 -40.90 -3.76 -16.44
CA GLY B 37 -42.23 -4.19 -16.84
C GLY B 37 -42.22 -5.16 -18.03
N ASP B 38 -41.07 -5.30 -18.71
CA ASP B 38 -40.88 -6.26 -19.78
C ASP B 38 -40.77 -7.66 -19.19
N PRO B 39 -41.37 -8.69 -19.81
CA PRO B 39 -41.16 -10.05 -19.37
C PRO B 39 -39.71 -10.45 -19.62
N ALA B 40 -39.07 -10.96 -18.56
CA ALA B 40 -37.70 -11.41 -18.65
C ALA B 40 -37.67 -12.78 -19.29
N GLU B 41 -37.47 -12.83 -20.60
CA GLU B 41 -37.44 -14.11 -21.30
C GLU B 41 -36.14 -14.30 -22.09
N ARG B 42 -35.17 -13.39 -21.91
CA ARG B 42 -33.96 -13.46 -22.71
C ARG B 42 -32.71 -13.22 -21.89
N VAL B 43 -31.61 -13.83 -22.36
CA VAL B 43 -30.30 -13.62 -21.80
C VAL B 43 -29.42 -12.97 -22.84
N TYR B 44 -28.66 -11.98 -22.39
CA TYR B 44 -27.86 -11.17 -23.29
C TYR B 44 -26.38 -11.42 -23.06
N LEU B 45 -25.58 -11.08 -24.07
CA LEU B 45 -24.14 -11.01 -23.95
C LEU B 45 -23.62 -9.81 -24.73
N LEU B 46 -23.06 -8.83 -24.01
CA LEU B 46 -22.43 -7.66 -24.60
C LEU B 46 -21.16 -8.08 -25.34
N VAL B 47 -20.98 -7.61 -26.58
CA VAL B 47 -19.84 -7.98 -27.40
C VAL B 47 -18.83 -6.83 -27.50
N LYS B 48 -19.31 -5.64 -27.88
CA LYS B 48 -18.46 -4.47 -27.83
C LYS B 48 -19.19 -3.22 -27.34
N GLY B 49 -18.51 -2.41 -26.50
CA GLY B 49 -19.08 -1.20 -25.92
C GLY B 49 -19.39 -1.40 -24.44
N ALA B 50 -20.34 -0.59 -23.91
CA ALA B 50 -20.66 -0.60 -22.50
C ALA B 50 -22.16 -0.62 -22.26
N VAL B 51 -22.60 -1.29 -21.20
CA VAL B 51 -24.00 -1.41 -20.85
C VAL B 51 -24.21 -0.85 -19.44
N LYS B 52 -25.14 0.10 -19.32
CA LYS B 52 -25.41 0.68 -18.02
C LYS B 52 -26.72 0.15 -17.47
N LEU B 53 -26.64 -0.52 -16.30
CA LEU B 53 -27.83 -0.99 -15.62
C LEU B 53 -28.15 -0.04 -14.48
N SER B 54 -29.39 0.42 -14.43
CA SER B 54 -29.78 1.41 -13.44
C SER B 54 -31.18 1.17 -12.90
N ARG B 55 -31.41 1.67 -11.70
CA ARG B 55 -32.74 1.72 -11.12
C ARG B 55 -33.25 3.15 -11.29
N VAL B 56 -34.55 3.28 -11.61
CA VAL B 56 -35.19 4.58 -11.64
C VAL B 56 -36.26 4.66 -10.55
N TYR B 57 -36.21 5.76 -9.77
CA TYR B 57 -37.18 6.04 -8.73
C TYR B 57 -38.30 6.92 -9.27
N GLU B 58 -39.37 7.07 -8.48
CA GLU B 58 -40.50 7.92 -8.88
C GLU B 58 -40.12 9.39 -8.82
N SER B 59 -39.18 9.70 -7.91
CA SER B 59 -38.64 11.04 -7.76
C SER B 59 -37.86 11.48 -9.00
N GLY B 60 -37.59 10.53 -9.91
CA GLY B 60 -36.86 10.81 -11.14
C GLY B 60 -35.37 10.51 -11.00
N GLU B 61 -35.01 9.82 -9.91
CA GLU B 61 -33.63 9.58 -9.56
C GLU B 61 -33.13 8.26 -10.16
N GLU B 62 -31.94 8.31 -10.78
CA GLU B 62 -31.32 7.13 -11.36
C GLU B 62 -30.12 6.71 -10.50
N ILE B 63 -30.01 5.39 -10.28
CA ILE B 63 -28.89 4.82 -9.55
C ILE B 63 -28.26 3.72 -10.38
N THR B 64 -26.97 3.88 -10.70
CA THR B 64 -26.27 2.92 -11.51
C THR B 64 -25.91 1.71 -10.65
N VAL B 65 -26.30 0.52 -11.10
CA VAL B 65 -26.02 -0.71 -10.38
C VAL B 65 -24.66 -1.22 -10.80
N ALA B 66 -24.46 -1.38 -12.12
CA ALA B 66 -23.17 -1.78 -12.65
C ALA B 66 -23.01 -1.26 -14.07
N LEU B 67 -21.77 -1.04 -14.48
CA LEU B 67 -21.49 -0.60 -15.84
C LEU B 67 -20.66 -1.67 -16.55
N LEU B 68 -21.32 -2.51 -17.36
CA LEU B 68 -20.75 -3.76 -17.84
C LEU B 68 -19.86 -3.56 -19.07
N ARG B 69 -18.85 -4.45 -19.20
CA ARG B 69 -17.90 -4.44 -20.30
C ARG B 69 -18.10 -5.64 -21.23
N GLU B 70 -17.22 -5.76 -22.23
CA GLU B 70 -17.24 -6.82 -23.23
C GLU B 70 -17.20 -8.22 -22.61
N ASN B 71 -17.87 -9.18 -23.27
CA ASN B 71 -17.95 -10.58 -22.88
C ASN B 71 -18.64 -10.78 -21.52
N SER B 72 -19.60 -9.90 -21.20
CA SER B 72 -20.34 -9.98 -19.94
C SER B 72 -21.75 -10.51 -20.20
N VAL B 73 -22.23 -11.37 -19.29
CA VAL B 73 -23.56 -11.96 -19.41
C VAL B 73 -24.52 -11.16 -18.53
N PHE B 74 -25.64 -10.71 -19.12
CA PHE B 74 -26.64 -9.98 -18.34
C PHE B 74 -28.04 -10.39 -18.77
N GLY B 75 -29.01 -9.82 -18.07
CA GLY B 75 -30.39 -10.24 -18.21
C GLY B 75 -30.60 -11.56 -17.48
N VAL B 76 -29.99 -11.62 -16.29
CA VAL B 76 -29.87 -12.87 -15.58
C VAL B 76 -31.18 -13.28 -14.87
N LEU B 77 -32.18 -12.40 -14.89
CA LEU B 77 -33.46 -12.68 -14.23
C LEU B 77 -34.15 -13.85 -14.93
N SER B 78 -33.99 -13.93 -16.25
CA SER B 78 -34.71 -14.92 -17.04
C SER B 78 -34.36 -16.35 -16.65
N LEU B 79 -33.28 -16.53 -15.88
CA LEU B 79 -32.77 -17.85 -15.57
C LEU B 79 -33.53 -18.52 -14.42
N LEU B 80 -34.30 -17.73 -13.65
CA LEU B 80 -34.85 -18.19 -12.37
C LEU B 80 -36.24 -18.81 -12.53
N THR B 81 -37.12 -18.11 -13.26
CA THR B 81 -38.51 -18.52 -13.43
C THR B 81 -38.87 -18.58 -14.90
N GLY B 82 -38.07 -17.89 -15.74
CA GLY B 82 -38.33 -17.80 -17.16
C GLY B 82 -39.13 -16.55 -17.48
N GLN B 83 -39.93 -16.67 -18.54
CA GLN B 83 -40.72 -15.57 -19.08
C GLN B 83 -41.69 -15.00 -18.03
N ARG B 84 -41.90 -15.75 -16.94
CA ARG B 84 -42.96 -15.49 -15.98
C ARG B 84 -42.76 -14.17 -15.24
N SER B 85 -41.52 -13.75 -15.00
CA SER B 85 -41.21 -12.56 -14.20
C SER B 85 -41.01 -11.31 -15.08
N ASP B 86 -41.25 -10.13 -14.48
CA ASP B 86 -41.07 -8.85 -15.16
C ASP B 86 -39.86 -8.10 -14.60
N ARG B 87 -39.13 -7.41 -15.49
CA ARG B 87 -37.93 -6.68 -15.13
C ARG B 87 -38.22 -5.50 -14.18
N PHE B 88 -37.14 -4.95 -13.59
CA PHE B 88 -37.20 -3.81 -12.70
C PHE B 88 -36.00 -2.86 -12.87
N TYR B 89 -34.97 -3.27 -13.61
CA TYR B 89 -33.85 -2.38 -13.88
C TYR B 89 -33.91 -1.84 -15.29
N HIS B 90 -33.09 -0.83 -15.56
CA HIS B 90 -33.16 -0.08 -16.80
C HIS B 90 -31.85 -0.32 -17.54
N ALA B 91 -31.89 -1.25 -18.50
CA ALA B 91 -30.71 -1.58 -19.27
C ALA B 91 -30.59 -0.64 -20.48
N VAL B 92 -29.71 0.35 -20.32
CA VAL B 92 -29.52 1.33 -21.42
C VAL B 92 -28.12 1.12 -22.00
N ALA B 93 -27.95 1.49 -23.26
CA ALA B 93 -26.67 1.22 -23.94
C ALA B 93 -25.67 2.33 -23.65
N PHE B 94 -24.93 2.20 -22.56
CA PHE B 94 -24.02 3.31 -22.20
C PHE B 94 -23.36 3.85 -23.46
N THR B 95 -23.05 2.99 -24.42
CA THR B 95 -22.32 3.46 -25.58
C THR B 95 -22.81 2.73 -26.81
N PRO B 96 -22.34 3.08 -28.03
CA PRO B 96 -22.51 2.21 -29.20
C PRO B 96 -22.21 0.76 -28.83
N VAL B 97 -23.15 -0.16 -29.08
CA VAL B 97 -23.04 -1.51 -28.56
C VAL B 97 -23.47 -2.59 -29.56
N GLN B 98 -22.78 -3.72 -29.49
CA GLN B 98 -23.11 -4.91 -30.25
C GLN B 98 -23.40 -6.01 -29.24
N LEU B 99 -24.41 -6.86 -29.49
CA LEU B 99 -24.68 -7.96 -28.58
C LEU B 99 -25.57 -9.04 -29.18
N PHE B 100 -25.61 -10.19 -28.47
CA PHE B 100 -26.49 -11.29 -28.81
C PHE B 100 -27.65 -11.34 -27.84
N SER B 101 -28.75 -11.98 -28.26
CA SER B 101 -29.96 -11.97 -27.48
C SER B 101 -30.74 -13.27 -27.66
N VAL B 102 -30.32 -14.32 -26.95
CA VAL B 102 -30.95 -15.63 -27.03
C VAL B 102 -32.06 -15.77 -25.99
N PRO B 103 -33.19 -16.38 -26.37
CA PRO B 103 -34.28 -16.65 -25.43
C PRO B 103 -33.94 -17.72 -24.40
N ILE B 104 -34.74 -17.76 -23.33
CA ILE B 104 -34.59 -18.75 -22.28
C ILE B 104 -35.03 -20.15 -22.77
N GLU B 105 -36.07 -20.23 -23.62
CA GLU B 105 -36.56 -21.50 -24.13
C GLU B 105 -35.60 -22.09 -25.18
N PHE B 106 -34.94 -21.21 -25.97
CA PHE B 106 -33.86 -21.58 -26.86
C PHE B 106 -32.64 -22.06 -26.09
N MET B 107 -32.52 -21.55 -24.86
CA MET B 107 -31.38 -21.85 -24.00
C MET B 107 -31.56 -23.20 -23.32
N GLN B 108 -32.80 -23.52 -22.93
CA GLN B 108 -33.09 -24.79 -22.28
C GLN B 108 -32.62 -25.96 -23.14
N LYS B 109 -32.92 -25.87 -24.44
CA LYS B 109 -32.46 -26.83 -25.45
C LYS B 109 -30.95 -26.71 -25.66
N ALA B 110 -30.40 -25.48 -25.65
CA ALA B 110 -28.99 -25.24 -25.96
C ALA B 110 -28.06 -25.77 -24.87
N LEU B 111 -28.56 -25.90 -23.64
CA LEU B 111 -27.76 -26.34 -22.52
C LEU B 111 -27.63 -27.86 -22.51
N ILE B 112 -28.72 -28.58 -22.79
CA ILE B 112 -28.70 -30.05 -22.91
C ILE B 112 -27.99 -30.45 -24.21
N GLU B 113 -28.04 -29.59 -25.23
CA GLU B 113 -27.32 -29.75 -26.48
C GLU B 113 -25.80 -29.76 -26.24
N ARG B 114 -25.29 -28.64 -25.69
CA ARG B 114 -23.85 -28.45 -25.53
C ARG B 114 -23.48 -28.33 -24.05
N PRO B 115 -22.82 -29.39 -23.50
CA PRO B 115 -22.23 -29.33 -22.16
C PRO B 115 -20.99 -28.43 -22.06
N GLU B 116 -20.42 -28.10 -23.24
CA GLU B 116 -19.28 -27.23 -23.37
C GLU B 116 -19.71 -25.81 -23.10
N LEU B 117 -20.92 -25.45 -23.57
CA LEU B 117 -21.48 -24.12 -23.34
C LEU B 117 -21.88 -23.92 -21.88
N ALA B 118 -22.36 -25.00 -21.23
CA ALA B 118 -22.69 -24.95 -19.82
C ALA B 118 -21.51 -24.46 -18.96
N ASN B 119 -20.33 -25.00 -19.29
CA ASN B 119 -19.08 -24.61 -18.65
C ASN B 119 -18.79 -23.14 -18.94
N VAL B 120 -18.87 -22.75 -20.21
CA VAL B 120 -18.54 -21.41 -20.64
C VAL B 120 -19.55 -20.40 -20.08
N MET B 121 -20.78 -20.84 -19.80
CA MET B 121 -21.78 -19.94 -19.26
C MET B 121 -21.55 -19.66 -17.78
N LEU B 122 -21.31 -20.70 -16.99
CA LEU B 122 -21.10 -20.48 -15.57
C LEU B 122 -19.81 -19.68 -15.33
N GLN B 123 -18.87 -19.75 -16.28
CA GLN B 123 -17.67 -18.92 -16.27
C GLN B 123 -18.06 -17.45 -16.34
N GLY B 124 -18.94 -17.12 -17.28
CA GLY B 124 -19.39 -15.76 -17.48
C GLY B 124 -20.18 -15.23 -16.29
N LEU B 125 -21.04 -16.07 -15.69
CA LEU B 125 -21.84 -15.67 -14.54
C LEU B 125 -20.96 -15.43 -13.32
N SER B 126 -19.93 -16.26 -13.15
CA SER B 126 -18.99 -16.08 -12.05
C SER B 126 -18.39 -14.69 -12.13
N SER B 127 -17.85 -14.33 -13.29
CA SER B 127 -17.24 -13.03 -13.54
C SER B 127 -18.16 -11.89 -13.10
N ARG B 128 -19.45 -12.05 -13.35
CA ARG B 128 -20.43 -11.03 -12.99
C ARG B 128 -20.48 -10.85 -11.48
N ILE B 129 -20.56 -11.97 -10.74
CA ILE B 129 -20.64 -11.91 -9.31
C ILE B 129 -19.47 -11.07 -8.81
N LEU B 130 -18.24 -11.42 -9.22
CA LEU B 130 -17.03 -10.76 -8.77
C LEU B 130 -17.06 -9.26 -9.09
N GLN B 131 -17.38 -8.92 -10.34
CA GLN B 131 -17.36 -7.54 -10.80
C GLN B 131 -18.36 -6.72 -9.99
N THR B 132 -19.52 -7.31 -9.67
CA THR B 132 -20.53 -6.66 -8.86
C THR B 132 -20.07 -6.57 -7.41
N GLU B 133 -19.39 -7.60 -6.94
CA GLU B 133 -18.84 -7.59 -5.59
C GLU B 133 -17.69 -6.61 -5.49
N MET B 134 -16.92 -6.45 -6.57
CA MET B 134 -15.83 -5.48 -6.62
C MET B 134 -16.39 -4.08 -6.41
N MET B 135 -17.56 -3.83 -6.96
CA MET B 135 -18.22 -2.54 -6.82
C MET B 135 -18.64 -2.34 -5.37
N ILE B 136 -19.02 -3.41 -4.67
CA ILE B 136 -19.39 -3.36 -3.27
C ILE B 136 -18.22 -2.78 -2.47
N GLU B 137 -17.01 -3.30 -2.73
CA GLU B 137 -15.80 -2.80 -2.08
C GLU B 137 -15.71 -1.28 -2.23
N THR B 138 -15.86 -0.81 -3.47
CA THR B 138 -15.75 0.61 -3.81
C THR B 138 -16.71 1.45 -2.98
N LEU B 139 -18.00 1.11 -3.01
CA LEU B 139 -19.02 1.93 -2.35
C LEU B 139 -18.98 1.79 -0.82
N ALA B 140 -18.28 0.76 -0.31
CA ALA B 140 -18.19 0.54 1.13
C ALA B 140 -17.16 1.48 1.78
N HIS B 141 -16.52 2.34 0.97
CA HIS B 141 -15.66 3.36 1.49
C HIS B 141 -16.48 4.39 2.24
N ARG B 142 -15.78 5.19 3.05
CA ARG B 142 -16.38 6.25 3.84
C ARG B 142 -15.94 7.56 3.20
N ASP B 143 -14.62 7.69 2.97
CA ASP B 143 -14.02 8.80 2.26
C ASP B 143 -14.49 8.79 0.81
N MET B 144 -15.22 9.84 0.42
CA MET B 144 -15.74 9.95 -0.93
C MET B 144 -14.57 10.09 -1.91
N GLY B 145 -13.45 10.68 -1.47
CA GLY B 145 -12.24 10.73 -2.27
C GLY B 145 -11.71 9.33 -2.60
N SER B 146 -11.61 8.48 -1.57
CA SER B 146 -11.20 7.10 -1.70
C SER B 146 -12.18 6.33 -2.58
N ARG B 147 -13.47 6.57 -2.35
CA ARG B 147 -14.53 5.88 -3.07
C ARG B 147 -14.47 6.17 -4.58
N LEU B 148 -14.22 7.43 -4.94
CA LEU B 148 -14.20 7.82 -6.35
C LEU B 148 -13.01 7.18 -7.08
N VAL B 149 -11.82 7.22 -6.47
CA VAL B 149 -10.62 6.66 -7.08
C VAL B 149 -10.81 5.15 -7.29
N SER B 150 -11.35 4.47 -6.29
CA SER B 150 -11.67 3.05 -6.36
C SER B 150 -12.50 2.77 -7.62
N PHE B 151 -13.54 3.58 -7.84
CA PHE B 151 -14.41 3.43 -9.00
C PHE B 151 -13.67 3.73 -10.30
N LEU B 152 -12.84 4.79 -10.29
CA LEU B 152 -12.07 5.16 -11.47
C LEU B 152 -11.14 4.02 -11.88
N LEU B 153 -10.55 3.36 -10.89
CA LEU B 153 -9.68 2.20 -11.14
C LEU B 153 -10.44 1.13 -11.92
N ILE B 154 -11.70 0.91 -11.56
CA ILE B 154 -12.52 -0.07 -12.23
C ILE B 154 -12.70 0.36 -13.68
N LEU B 155 -13.11 1.61 -13.88
CA LEU B 155 -13.33 2.12 -15.21
C LEU B 155 -12.13 1.76 -16.05
N CYS B 156 -10.94 2.22 -15.62
CA CYS B 156 -9.73 1.97 -16.36
C CYS B 156 -9.70 0.48 -16.67
N ARG B 157 -9.80 -0.32 -15.61
CA ARG B 157 -9.65 -1.75 -15.77
C ARG B 157 -10.50 -2.23 -16.94
N ASP B 158 -11.72 -1.70 -17.06
CA ASP B 158 -12.67 -2.24 -18.03
C ASP B 158 -12.59 -1.50 -19.36
N PHE B 159 -12.45 -0.19 -19.35
CA PHE B 159 -12.52 0.57 -20.60
C PHE B 159 -11.29 1.45 -20.81
N GLY B 160 -10.22 1.15 -20.09
CA GLY B 160 -9.02 1.95 -20.19
C GLY B 160 -8.20 1.51 -21.39
N ILE B 161 -7.72 2.48 -22.18
CA ILE B 161 -6.76 2.18 -23.23
C ILE B 161 -5.42 2.80 -22.88
N PRO B 162 -4.30 2.11 -23.23
CA PRO B 162 -2.96 2.69 -23.09
C PRO B 162 -2.82 4.05 -23.76
N SER B 163 -2.13 4.96 -23.04
CA SER B 163 -1.94 6.33 -23.46
C SER B 163 -0.50 6.77 -23.20
N PRO B 164 -0.06 7.86 -23.88
CA PRO B 164 1.30 8.41 -23.73
C PRO B 164 1.86 8.47 -22.31
N ASP B 165 1.06 8.99 -21.37
CA ASP B 165 1.53 9.27 -20.01
C ASP B 165 0.76 8.48 -18.95
N GLY B 166 -0.31 7.77 -19.35
CA GLY B 166 -1.11 7.01 -18.41
C GLY B 166 -2.16 6.14 -19.11
N ILE B 167 -3.37 6.06 -18.52
CA ILE B 167 -4.46 5.27 -19.07
C ILE B 167 -5.70 6.15 -19.23
N THR B 168 -6.10 6.39 -20.49
CA THR B 168 -7.30 7.13 -20.79
C THR B 168 -8.48 6.16 -20.81
N ILE B 169 -9.51 6.42 -19.96
CA ILE B 169 -10.71 5.60 -20.01
C ILE B 169 -11.36 5.84 -21.37
N ASP B 170 -11.37 4.83 -22.23
CA ASP B 170 -11.89 4.94 -23.57
C ASP B 170 -13.42 4.94 -23.58
N LEU B 171 -14.02 5.90 -22.86
CA LEU B 171 -15.46 6.11 -22.91
C LEU B 171 -15.77 7.46 -22.26
N LYS B 172 -16.80 8.14 -22.77
CA LYS B 172 -17.14 9.46 -22.28
C LYS B 172 -17.99 9.31 -21.01
N LEU B 173 -17.88 10.30 -20.12
CA LEU B 173 -18.46 10.24 -18.79
C LEU B 173 -19.14 11.55 -18.45
N SER B 174 -20.33 11.43 -17.84
CA SER B 174 -21.10 12.57 -17.37
C SER B 174 -20.93 12.71 -15.86
N HIS B 175 -20.63 13.93 -15.38
CA HIS B 175 -20.41 14.05 -13.95
C HIS B 175 -21.56 13.43 -13.18
N GLN B 176 -22.79 13.59 -13.72
CA GLN B 176 -23.96 13.02 -13.09
C GLN B 176 -23.91 11.49 -13.15
N ALA B 177 -23.51 10.94 -14.32
CA ALA B 177 -23.39 9.50 -14.51
C ALA B 177 -22.46 8.89 -13.46
N ILE B 178 -21.36 9.61 -13.16
CA ILE B 178 -20.42 9.18 -12.14
C ILE B 178 -21.09 9.27 -10.78
N ALA B 179 -21.73 10.41 -10.54
CA ALA B 179 -22.39 10.66 -9.27
C ALA B 179 -23.47 9.62 -8.99
N GLU B 180 -24.18 9.16 -10.02
CA GLU B 180 -25.23 8.18 -9.84
C GLU B 180 -24.65 6.81 -9.44
N ALA B 181 -23.39 6.55 -9.83
CA ALA B 181 -22.76 5.26 -9.65
C ALA B 181 -22.12 5.13 -8.26
N ILE B 182 -21.59 6.24 -7.72
CA ILE B 182 -20.87 6.20 -6.45
C ILE B 182 -21.64 6.88 -5.33
N GLY B 183 -22.93 7.15 -5.55
CA GLY B 183 -23.82 7.63 -4.51
C GLY B 183 -23.49 9.05 -4.06
N SER B 184 -23.43 9.97 -5.02
CA SER B 184 -23.05 11.34 -4.74
C SER B 184 -23.79 12.30 -5.68
N THR B 185 -23.55 13.60 -5.51
CA THR B 185 -24.08 14.63 -6.39
C THR B 185 -23.05 14.99 -7.44
N ARG B 186 -23.51 15.58 -8.54
CA ARG B 186 -22.64 16.00 -9.63
C ARG B 186 -21.55 16.96 -9.15
N VAL B 187 -21.92 17.83 -8.20
CA VAL B 187 -21.05 18.91 -7.74
C VAL B 187 -19.83 18.33 -7.05
N THR B 188 -20.07 17.33 -6.22
CA THR B 188 -18.93 16.79 -5.47
C THR B 188 -18.01 16.15 -6.49
N VAL B 189 -18.58 15.31 -7.34
CA VAL B 189 -17.78 14.65 -8.35
C VAL B 189 -16.79 15.64 -8.96
N THR B 190 -17.31 16.80 -9.41
CA THR B 190 -16.49 17.82 -10.04
C THR B 190 -15.42 18.34 -9.08
N ARG B 191 -15.85 18.52 -7.82
CA ARG B 191 -15.03 19.00 -6.73
C ARG B 191 -13.83 18.08 -6.53
N LEU B 192 -14.08 16.78 -6.35
CA LEU B 192 -13.06 15.80 -6.05
C LEU B 192 -12.13 15.64 -7.24
N LEU B 193 -12.68 15.68 -8.46
CA LEU B 193 -11.88 15.51 -9.67
C LEU B 193 -10.90 16.67 -9.81
N GLY B 194 -11.36 17.88 -9.49
CA GLY B 194 -10.49 19.06 -9.53
C GLY B 194 -9.34 18.95 -8.52
N ASP B 195 -9.59 18.32 -7.37
CA ASP B 195 -8.57 18.12 -6.34
C ASP B 195 -7.54 17.07 -6.77
N LEU B 196 -7.94 16.15 -7.65
CA LEU B 196 -7.03 15.16 -8.22
C LEU B 196 -6.25 15.80 -9.36
N ARG B 197 -6.80 16.82 -10.01
CA ARG B 197 -6.10 17.57 -11.03
C ARG B 197 -5.00 18.43 -10.43
N GLU B 198 -5.24 18.96 -9.21
CA GLU B 198 -4.24 19.73 -8.49
C GLU B 198 -3.15 18.80 -7.92
N SER B 199 -3.55 17.58 -7.56
CA SER B 199 -2.64 16.52 -7.15
C SER B 199 -1.96 15.89 -8.37
N LYS B 200 -2.44 16.26 -9.57
CA LYS B 200 -1.96 15.80 -10.87
C LYS B 200 -1.84 14.28 -10.97
N LEU B 201 -2.89 13.60 -10.51
CA LEU B 201 -3.00 12.15 -10.65
C LEU B 201 -3.87 11.82 -11.87
N ILE B 202 -4.66 12.80 -12.32
CA ILE B 202 -5.59 12.62 -13.43
C ILE B 202 -5.49 13.82 -14.39
N ALA B 203 -6.03 13.60 -15.59
CA ALA B 203 -6.19 14.66 -16.56
C ALA B 203 -7.39 14.33 -17.44
N ILE B 204 -8.18 15.36 -17.75
CA ILE B 204 -9.28 15.22 -18.67
C ILE B 204 -8.91 15.87 -20.00
N HIS B 205 -8.66 15.01 -21.00
CA HIS B 205 -8.47 15.46 -22.36
C HIS B 205 -9.62 14.97 -23.22
N LYS B 206 -10.35 15.93 -23.80
CA LYS B 206 -11.50 15.70 -24.64
C LYS B 206 -12.55 14.86 -23.93
N LYS B 207 -13.04 15.39 -22.79
CA LYS B 207 -14.11 14.77 -22.01
C LYS B 207 -13.72 13.35 -21.57
N ARG B 208 -12.46 13.01 -21.85
CA ARG B 208 -11.96 11.66 -21.47
C ARG B 208 -11.04 11.79 -20.28
N ILE B 209 -11.21 10.93 -19.29
CA ILE B 209 -10.41 10.98 -18.08
C ILE B 209 -9.18 10.12 -18.33
N THR B 210 -8.12 10.38 -17.56
CA THR B 210 -6.86 9.70 -17.75
C THR B 210 -6.08 9.68 -16.45
N VAL B 211 -5.77 8.45 -15.96
CA VAL B 211 -5.02 8.31 -14.71
C VAL B 211 -3.54 8.15 -15.01
N PHE B 212 -2.73 8.42 -14.01
CA PHE B 212 -1.29 8.17 -14.22
C PHE B 212 -0.82 7.18 -13.16
N ASN B 213 0.24 6.43 -13.48
CA ASN B 213 0.77 5.41 -12.53
C ASN B 213 -0.41 4.73 -11.85
N PRO B 214 -1.26 4.03 -12.62
CA PRO B 214 -2.42 3.42 -12.02
C PRO B 214 -1.96 2.70 -10.76
N VAL B 215 -1.03 1.76 -10.92
CA VAL B 215 -0.63 0.99 -9.73
C VAL B 215 -0.49 1.98 -8.59
N ALA B 216 0.27 3.04 -8.84
CA ALA B 216 0.54 3.94 -7.72
C ALA B 216 -0.75 4.33 -7.00
N LEU B 217 -1.85 4.48 -7.75
CA LEU B 217 -3.14 4.82 -7.17
C LEU B 217 -3.66 3.67 -6.31
N SER B 218 -3.43 2.44 -6.77
CA SER B 218 -3.87 1.22 -6.09
C SER B 218 -3.06 1.00 -4.82
N GLN B 219 -1.79 1.43 -4.79
CA GLN B 219 -0.94 1.29 -3.63
C GLN B 219 -1.50 2.08 -2.43
N GLN B 220 -2.35 3.08 -2.72
CA GLN B 220 -2.95 3.93 -1.71
C GLN B 220 -4.09 3.19 -1.03
N PHE B 221 -4.43 1.98 -1.53
CA PHE B 221 -5.53 1.21 -0.94
C PHE B 221 -5.03 -0.13 -0.45
N SER B 222 -3.99 -0.04 0.38
CA SER B 222 -3.45 -1.18 1.09
C SER B 222 -4.32 -1.55 2.30
N GLU E 4 5.76 -2.32 -17.12
CA GLU E 4 4.69 -1.28 -17.24
C GLU E 4 4.01 -1.34 -18.60
N ASN E 5 4.01 -2.53 -19.22
CA ASN E 5 3.31 -2.75 -20.47
C ASN E 5 1.88 -3.25 -20.21
N TYR E 6 0.93 -2.81 -21.04
CA TYR E 6 -0.49 -3.10 -20.83
C TYR E 6 -1.06 -4.00 -21.92
N LEU E 7 -2.09 -4.78 -21.52
CA LEU E 7 -2.72 -5.76 -22.39
C LEU E 7 -4.16 -5.98 -21.92
N ASN E 8 -5.09 -5.99 -22.87
CA ASN E 8 -6.52 -6.11 -22.58
C ASN E 8 -6.97 -7.56 -22.66
N HIS E 9 -7.26 -8.14 -21.48
CA HIS E 9 -7.81 -9.46 -21.37
C HIS E 9 -9.30 -9.41 -21.65
N PRO E 10 -9.83 -10.32 -22.48
CA PRO E 10 -11.25 -10.33 -22.85
C PRO E 10 -12.19 -10.30 -21.65
N THR E 11 -11.93 -11.14 -20.64
CA THR E 11 -12.82 -11.27 -19.49
C THR E 11 -12.48 -10.24 -18.41
N PHE E 12 -11.19 -10.13 -18.05
CA PHE E 12 -10.79 -9.38 -16.85
C PHE E 12 -10.32 -7.95 -17.15
N GLY E 13 -10.30 -7.56 -18.43
CA GLY E 13 -9.99 -6.19 -18.82
C GLY E 13 -8.49 -5.94 -18.81
N LEU E 14 -8.09 -4.73 -18.39
CA LEU E 14 -6.73 -4.30 -18.56
C LEU E 14 -5.78 -5.03 -17.61
N LEU E 15 -4.60 -5.38 -18.13
CA LEU E 15 -3.54 -6.05 -17.38
C LEU E 15 -2.22 -5.31 -17.60
N TYR E 16 -1.26 -5.54 -16.69
CA TYR E 16 0.05 -4.92 -16.84
C TYR E 16 1.19 -5.91 -16.57
N GLN E 17 2.29 -5.72 -17.31
CA GLN E 17 3.41 -6.66 -17.32
C GLN E 17 4.26 -6.49 -16.06
N ILE E 18 4.64 -7.66 -15.49
CA ILE E 18 5.53 -7.70 -14.35
C ILE E 18 6.96 -7.89 -14.83
N CYS E 19 7.23 -9.01 -15.53
CA CYS E 19 8.59 -9.31 -15.99
C CYS E 19 8.60 -10.15 -17.24
N SER E 20 9.74 -10.15 -17.94
CA SER E 20 9.98 -11.04 -19.06
C SER E 20 10.74 -12.28 -18.57
N PHE E 21 10.82 -13.33 -19.40
CA PHE E 21 11.56 -14.54 -19.05
C PHE E 21 12.40 -15.02 -20.23
N GLY E 22 11.76 -15.50 -21.30
CA GLY E 22 12.48 -16.01 -22.47
C GLY E 22 12.08 -17.42 -22.87
N SER E 24 10.03 -15.73 -25.29
CA SER E 24 9.86 -14.59 -24.35
C SER E 24 8.44 -14.56 -23.77
N LYS E 25 8.29 -15.29 -22.68
CA LYS E 25 7.06 -15.41 -21.93
C LYS E 25 7.07 -14.34 -20.89
N GLU E 26 5.98 -13.58 -20.76
CA GLU E 26 5.97 -12.51 -19.81
C GLU E 26 4.89 -12.75 -18.78
N LEU E 27 5.14 -12.21 -17.59
CA LEU E 27 4.17 -12.24 -16.50
C LEU E 27 3.36 -10.93 -16.52
N PHE E 28 2.05 -11.09 -16.36
CA PHE E 28 1.12 -9.98 -16.36
C PHE E 28 0.25 -10.11 -15.11
N ALA E 29 -0.39 -9.00 -14.72
CA ALA E 29 -1.22 -8.99 -13.52
C ALA E 29 -2.44 -8.09 -13.68
N THR E 30 -3.46 -8.34 -12.84
CA THR E 30 -4.69 -7.56 -12.83
C THR E 30 -4.44 -6.18 -12.23
N LEU E 31 -5.29 -5.21 -12.58
CA LEU E 31 -5.00 -3.82 -12.26
C LEU E 31 -5.47 -3.40 -10.87
N TYR E 32 -6.62 -3.89 -10.42
CA TYR E 32 -7.12 -3.58 -9.08
C TYR E 32 -6.49 -4.48 -8.02
N ALA E 33 -5.30 -4.11 -7.58
CA ALA E 33 -4.62 -4.87 -6.50
C ALA E 33 -3.98 -6.14 -7.05
N GLN E 34 -3.73 -6.21 -8.34
CA GLN E 34 -3.01 -7.40 -8.83
C GLN E 34 -3.59 -8.61 -8.12
N ARG E 35 -4.90 -8.77 -8.20
CA ARG E 35 -5.53 -9.88 -7.43
C ARG E 35 -5.16 -11.21 -8.09
N LEU E 36 -4.77 -11.21 -9.37
CA LEU E 36 -4.30 -12.49 -9.98
C LEU E 36 -3.19 -12.24 -11.00
N PHE E 37 -2.67 -13.30 -11.62
CA PHE E 37 -1.51 -13.14 -12.47
C PHE E 37 -1.60 -14.04 -13.71
N PHE E 38 -1.04 -13.60 -14.84
CA PHE E 38 -1.23 -14.27 -16.12
C PHE E 38 0.08 -14.47 -16.88
N LEU E 39 0.30 -15.69 -17.39
CA LEU E 39 1.49 -16.00 -18.19
C LEU E 39 1.14 -15.88 -19.68
N VAL E 40 1.76 -14.91 -20.35
CA VAL E 40 1.33 -14.66 -21.74
C VAL E 40 2.45 -14.96 -22.74
N ALA E 41 2.08 -15.40 -23.94
CA ALA E 41 3.06 -15.72 -25.01
C ALA E 41 2.55 -15.17 -26.34
N PHE E 42 3.38 -14.45 -27.08
CA PHE E 42 2.88 -13.79 -28.33
C PHE E 42 2.85 -14.76 -29.50
N ASP E 43 2.08 -15.83 -29.40
CA ASP E 43 1.99 -16.67 -30.60
C ASP E 43 1.43 -15.81 -31.75
N ALA E 44 1.63 -16.23 -32.98
CA ALA E 44 1.04 -15.35 -34.01
C ALA E 44 -0.38 -15.03 -33.55
N ARG E 45 -0.95 -15.93 -32.75
CA ARG E 45 -2.36 -15.73 -32.36
C ARG E 45 -2.43 -15.29 -30.91
N GLY E 46 -1.33 -15.41 -30.20
CA GLY E 46 -1.48 -15.11 -28.77
C GLY E 46 -2.52 -16.07 -28.24
N THR E 47 -3.71 -15.60 -27.90
CA THR E 47 -4.79 -16.54 -27.51
C THR E 47 -4.26 -17.56 -26.51
N ARG E 48 -3.17 -17.25 -25.81
CA ARG E 48 -2.60 -18.28 -24.91
C ARG E 48 -2.30 -17.67 -23.53
N PHE E 49 -3.34 -17.38 -22.76
CA PHE E 49 -3.13 -16.84 -21.39
C PHE E 49 -3.16 -18.00 -20.40
N GLU E 50 -2.18 -18.06 -19.51
CA GLU E 50 -2.16 -19.15 -18.50
C GLU E 50 -2.20 -18.53 -17.11
N PRO E 51 -3.35 -18.63 -16.41
CA PRO E 51 -3.49 -18.06 -15.08
C PRO E 51 -2.68 -18.75 -13.98
N ILE E 52 -2.18 -17.96 -13.02
CA ILE E 52 -1.44 -18.47 -11.86
C ILE E 52 -1.80 -17.67 -10.60
N GLY E 53 -1.60 -18.29 -9.43
CA GLY E 53 -1.95 -17.67 -8.14
C GLY E 53 -0.76 -16.98 -7.47
N ARG E 54 -1.02 -16.32 -6.32
CA ARG E 54 -0.03 -15.49 -5.63
C ARG E 54 1.19 -16.32 -5.28
N ASN E 55 0.99 -17.50 -4.69
CA ASN E 55 2.10 -18.29 -4.17
C ASN E 55 3.09 -18.67 -5.27
N GLU E 56 2.59 -19.16 -6.40
CA GLU E 56 3.43 -19.50 -7.54
C GLU E 56 4.06 -18.24 -8.15
N ALA E 57 3.26 -17.17 -8.29
CA ALA E 57 3.69 -15.91 -8.90
C ALA E 57 4.80 -15.25 -8.08
N ARG E 58 4.73 -15.40 -6.76
CA ARG E 58 5.73 -14.88 -5.84
C ARG E 58 7.10 -15.43 -6.16
N MET E 59 7.24 -16.75 -6.07
CA MET E 59 8.52 -17.43 -6.22
C MET E 59 9.05 -17.30 -7.65
N LEU E 60 8.15 -17.01 -8.61
CA LEU E 60 8.52 -16.95 -10.01
C LEU E 60 9.24 -15.63 -10.34
N VAL E 61 8.74 -14.51 -9.81
CA VAL E 61 9.43 -13.23 -9.95
C VAL E 61 10.71 -13.28 -9.12
N ASP E 62 10.66 -14.02 -8.01
CA ASP E 62 11.76 -14.15 -7.06
C ASP E 62 12.94 -14.84 -7.74
N ASN E 63 12.67 -15.93 -8.47
CA ASN E 63 13.68 -16.64 -9.24
C ASN E 63 14.33 -15.71 -10.28
N ARG E 64 13.54 -14.85 -10.91
CA ARG E 64 14.02 -13.91 -11.92
C ARG E 64 14.99 -12.88 -11.35
N LEU E 65 14.76 -12.45 -10.10
CA LEU E 65 15.67 -11.52 -9.41
C LEU E 65 17.05 -12.17 -9.26
N ARG E 66 17.02 -13.36 -8.67
CA ARG E 66 18.28 -14.11 -8.47
C ARG E 66 18.91 -14.27 -9.83
N GLN E 67 18.12 -14.77 -10.78
CA GLN E 67 18.70 -15.05 -12.11
C GLN E 67 19.40 -13.78 -12.59
N LEU E 68 18.75 -12.64 -12.44
CA LEU E 68 19.40 -11.44 -12.99
C LEU E 68 20.80 -11.37 -12.41
N ARG E 69 20.90 -11.39 -11.09
CA ARG E 69 22.25 -11.24 -10.50
C ARG E 69 23.13 -12.33 -11.08
N ARG E 70 22.68 -13.58 -10.95
CA ARG E 70 23.52 -14.70 -11.42
C ARG E 70 23.98 -14.37 -12.84
N ASP E 71 23.09 -13.80 -13.66
CA ASP E 71 23.47 -13.58 -15.07
C ASP E 71 22.58 -12.53 -15.74
N ALA E 72 22.70 -11.27 -15.32
CA ALA E 72 21.93 -10.17 -15.98
C ALA E 72 22.38 -8.81 -15.44
N SER E 73 21.78 -7.75 -15.98
CA SER E 73 22.21 -6.38 -15.61
C SER E 73 21.73 -6.02 -14.22
N LEU E 74 21.96 -4.77 -13.85
CA LEU E 74 21.60 -4.34 -12.48
C LEU E 74 20.13 -3.86 -12.45
N GLN E 75 19.86 -2.90 -13.37
CA GLN E 75 18.58 -2.13 -13.52
C GLN E 75 17.42 -2.96 -14.03
N GLU E 76 17.73 -3.88 -14.90
CA GLU E 76 16.70 -4.81 -15.42
C GLU E 76 16.27 -5.39 -14.08
N TYR E 77 17.27 -5.64 -13.23
CA TYR E 77 16.97 -6.07 -11.85
C TYR E 77 16.63 -4.79 -11.08
N ASN E 78 17.34 -3.69 -11.34
CA ASN E 78 16.90 -2.54 -10.57
C ASN E 78 15.40 -2.29 -10.75
N GLN E 79 14.91 -2.45 -11.98
CA GLN E 79 13.55 -2.11 -12.35
C GLN E 79 12.53 -3.15 -11.83
N LEU E 80 12.84 -4.44 -12.01
CA LEU E 80 11.95 -5.52 -11.58
C LEU E 80 11.90 -5.58 -10.06
N GLN E 81 12.96 -5.08 -9.42
CA GLN E 81 12.99 -4.93 -7.98
C GLN E 81 11.89 -3.99 -7.50
N GLN E 82 11.71 -2.89 -8.23
CA GLN E 82 10.63 -1.92 -8.03
C GLN E 82 9.29 -2.62 -8.11
N VAL E 83 9.13 -3.43 -9.15
CA VAL E 83 7.88 -4.12 -9.45
C VAL E 83 7.52 -5.10 -8.33
N PHE E 84 8.49 -5.91 -7.91
CA PHE E 84 8.27 -6.90 -6.87
C PHE E 84 7.89 -6.21 -5.58
N LYS E 85 8.58 -5.11 -5.32
CA LYS E 85 8.36 -4.28 -4.13
C LYS E 85 6.92 -3.73 -4.10
N GLN E 86 6.39 -3.36 -5.26
CA GLN E 86 5.06 -2.78 -5.33
C GLN E 86 3.96 -3.85 -5.19
N THR E 87 4.11 -4.99 -5.89
CA THR E 87 3.10 -6.05 -5.86
C THR E 87 3.23 -6.88 -4.58
N PHE E 88 4.49 -7.16 -4.18
CA PHE E 88 4.82 -7.99 -3.03
C PHE E 88 5.67 -7.19 -2.04
N GLU F 4 -50.82 -9.98 5.53
CA GLU F 4 -49.55 -9.81 6.32
C GLU F 4 -49.06 -11.14 6.89
N ASN F 5 -49.37 -12.23 6.19
CA ASN F 5 -48.89 -13.57 6.55
C ASN F 5 -47.56 -13.84 5.83
N TYR F 6 -46.64 -14.52 6.52
CA TYR F 6 -45.29 -14.71 5.98
C TYR F 6 -45.00 -16.18 5.71
N LEU F 7 -44.11 -16.38 4.73
CA LEU F 7 -43.67 -17.70 4.35
C LEU F 7 -42.24 -17.63 3.81
N ASN F 8 -41.41 -18.58 4.25
CA ASN F 8 -39.99 -18.59 3.92
C ASN F 8 -39.74 -19.46 2.69
N HIS F 9 -39.44 -18.81 1.56
CA HIS F 9 -39.08 -19.49 0.33
C HIS F 9 -37.63 -19.91 0.42
N PRO F 10 -37.30 -21.17 0.05
CA PRO F 10 -35.92 -21.66 0.09
C PRO F 10 -34.90 -20.74 -0.57
N THR F 11 -35.20 -20.32 -1.81
CA THR F 11 -34.26 -19.56 -2.62
C THR F 11 -34.40 -18.07 -2.37
N PHE F 12 -35.65 -17.56 -2.39
CA PHE F 12 -35.92 -16.13 -2.34
C PHE F 12 -36.10 -15.56 -0.92
N GLY F 13 -36.17 -16.42 0.09
CA GLY F 13 -36.29 -15.97 1.48
C GLY F 13 -37.73 -15.58 1.83
N LEU F 14 -37.87 -14.51 2.63
CA LEU F 14 -39.17 -14.13 3.16
C LEU F 14 -40.14 -13.67 2.08
N LEU F 15 -41.39 -14.18 2.22
CA LEU F 15 -42.52 -13.76 1.40
C LEU F 15 -43.66 -13.31 2.32
N TYR F 16 -44.55 -12.47 1.79
CA TYR F 16 -45.75 -12.08 2.52
C TYR F 16 -47.01 -12.14 1.66
N GLN F 17 -48.12 -12.54 2.30
CA GLN F 17 -49.39 -12.82 1.63
C GLN F 17 -50.07 -11.53 1.18
N ILE F 18 -50.57 -11.61 -0.06
CA ILE F 18 -51.27 -10.51 -0.68
C ILE F 18 -52.78 -10.72 -0.49
N CYS F 19 -53.29 -11.82 -1.07
CA CYS F 19 -54.71 -12.15 -1.00
C CYS F 19 -54.84 -13.66 -0.86
N SER F 20 -55.94 -14.11 -0.24
CA SER F 20 -56.10 -15.52 0.07
C SER F 20 -56.47 -16.32 -1.17
N PHE F 21 -57.64 -16.10 -1.76
CA PHE F 21 -58.10 -16.99 -2.86
C PHE F 21 -58.70 -18.32 -2.33
N GLY F 22 -59.25 -19.20 -3.19
CA GLY F 22 -59.97 -20.44 -2.80
C GLY F 22 -59.11 -21.68 -2.71
N ASP F 23 -57.85 -21.57 -3.10
CA ASP F 23 -57.02 -22.79 -3.13
C ASP F 23 -57.81 -23.89 -3.82
N LYS F 25 -55.31 -20.60 -2.45
CA LYS F 25 -54.22 -20.16 -3.38
C LYS F 25 -53.80 -18.74 -3.02
N GLU F 26 -53.05 -18.60 -1.92
CA GLU F 26 -52.75 -17.28 -1.41
C GLU F 26 -51.63 -16.65 -2.22
N LEU F 27 -51.90 -15.56 -2.89
CA LEU F 27 -50.84 -14.80 -3.54
C LEU F 27 -49.86 -14.31 -2.45
N PHE F 28 -48.57 -14.53 -2.73
CA PHE F 28 -47.50 -14.03 -1.90
C PHE F 28 -46.56 -13.18 -2.74
N ALA F 29 -45.72 -12.40 -2.06
CA ALA F 29 -44.79 -11.50 -2.74
C ALA F 29 -43.48 -11.32 -1.96
N THR F 30 -42.44 -10.90 -2.67
CA THR F 30 -41.13 -10.64 -2.09
C THR F 30 -41.15 -9.38 -1.23
N LEU F 31 -40.22 -9.29 -0.28
CA LEU F 31 -40.30 -8.27 0.76
C LEU F 31 -39.62 -6.95 0.37
N TYR F 32 -38.52 -7.01 -0.38
CA TYR F 32 -37.79 -5.82 -0.79
C TYR F 32 -38.36 -5.27 -2.08
N ALA F 33 -39.07 -4.16 -1.97
CA ALA F 33 -39.59 -3.53 -3.21
C ALA F 33 -40.53 -4.53 -3.87
N GLN F 34 -40.94 -5.56 -3.14
CA GLN F 34 -41.95 -6.49 -3.70
C GLN F 34 -41.67 -6.63 -5.19
N ARG F 35 -40.53 -7.19 -5.55
CA ARG F 35 -40.17 -7.23 -7.00
C ARG F 35 -40.60 -8.55 -7.63
N LEU F 36 -41.42 -9.37 -6.95
CA LEU F 36 -41.91 -10.61 -7.61
C LEU F 36 -43.14 -11.16 -6.88
N PHE F 37 -43.81 -12.15 -7.45
CA PHE F 37 -45.02 -12.60 -6.79
C PHE F 37 -45.19 -14.10 -6.98
N PHE F 38 -45.87 -14.77 -6.03
CA PHE F 38 -45.94 -16.22 -6.06
C PHE F 38 -47.29 -16.78 -5.67
N LEU F 39 -47.73 -17.79 -6.44
CA LEU F 39 -48.95 -18.55 -6.19
C LEU F 39 -48.62 -19.75 -5.31
N VAL F 40 -49.06 -19.70 -4.06
CA VAL F 40 -48.69 -20.73 -3.11
C VAL F 40 -49.82 -21.75 -2.99
N ALA F 41 -49.53 -23.00 -3.32
CA ALA F 41 -50.50 -24.07 -3.21
C ALA F 41 -50.32 -24.79 -1.87
N PHE F 42 -51.08 -24.42 -0.83
CA PHE F 42 -50.89 -25.01 0.50
C PHE F 42 -51.55 -26.39 0.59
N ASP F 43 -51.06 -27.36 -0.19
CA ASP F 43 -51.57 -28.72 -0.13
C ASP F 43 -50.65 -29.52 0.78
N ALA F 44 -51.19 -30.62 1.35
CA ALA F 44 -50.38 -31.53 2.13
C ALA F 44 -49.19 -31.90 1.25
N ARG F 45 -48.03 -31.39 1.61
CA ARG F 45 -46.84 -31.63 0.76
C ARG F 45 -47.16 -31.13 -0.64
N GLY F 46 -48.32 -30.51 -0.80
CA GLY F 46 -48.65 -29.94 -2.11
C GLY F 46 -48.11 -28.53 -2.24
N THR F 47 -47.11 -28.20 -1.43
CA THR F 47 -46.63 -26.80 -1.44
C THR F 47 -46.00 -26.45 -2.79
N ARG F 48 -46.47 -25.35 -3.39
CA ARG F 48 -45.95 -24.93 -4.71
C ARG F 48 -45.78 -23.41 -4.73
N PHE F 49 -44.64 -22.95 -5.25
CA PHE F 49 -44.40 -21.51 -5.37
C PHE F 49 -44.39 -21.18 -6.86
N GLU F 50 -45.58 -21.06 -7.44
CA GLU F 50 -45.70 -20.81 -8.86
C GLU F 50 -45.51 -19.32 -9.11
N PRO F 51 -44.38 -18.93 -9.73
CA PRO F 51 -44.04 -17.53 -9.95
C PRO F 51 -44.90 -16.82 -11.00
N ILE F 52 -45.26 -15.55 -10.71
CA ILE F 52 -45.99 -14.71 -11.67
C ILE F 52 -45.40 -13.29 -11.65
N GLY F 53 -45.59 -12.58 -12.76
CA GLY F 53 -45.05 -11.23 -12.91
C GLY F 53 -46.06 -10.14 -12.56
N ARG F 54 -45.58 -8.89 -12.57
CA ARG F 54 -46.35 -7.75 -12.14
C ARG F 54 -47.63 -7.60 -12.94
N ASN F 55 -47.55 -7.74 -14.28
CA ASN F 55 -48.69 -7.54 -15.16
C ASN F 55 -49.86 -8.47 -14.81
N GLU F 56 -49.57 -9.77 -14.68
CA GLU F 56 -50.60 -10.74 -14.29
C GLU F 56 -51.02 -10.51 -12.83
N ALA F 57 -50.04 -10.23 -11.94
CA ALA F 57 -50.27 -10.05 -10.51
C ALA F 57 -51.17 -8.86 -10.21
N ARG F 58 -51.03 -7.80 -11.00
CA ARG F 58 -51.80 -6.58 -10.80
C ARG F 58 -53.28 -6.84 -11.03
N MET F 59 -53.61 -7.36 -12.21
CA MET F 59 -55.00 -7.59 -12.58
C MET F 59 -55.63 -8.67 -11.70
N LEU F 60 -54.81 -9.53 -11.07
CA LEU F 60 -55.31 -10.63 -10.26
C LEU F 60 -55.80 -10.15 -8.90
N VAL F 61 -55.06 -9.22 -8.26
CA VAL F 61 -55.50 -8.57 -7.03
C VAL F 61 -56.72 -7.72 -7.33
N ASP F 62 -56.67 -7.08 -8.51
CA ASP F 62 -57.72 -6.20 -9.01
C ASP F 62 -59.02 -6.98 -9.13
N ASN F 63 -58.96 -8.22 -9.62
CA ASN F 63 -60.12 -9.08 -9.78
C ASN F 63 -60.79 -9.40 -8.45
N ARG F 64 -59.99 -9.67 -7.41
CA ARG F 64 -60.53 -10.00 -6.10
C ARG F 64 -61.22 -8.79 -5.47
N LEU F 65 -60.72 -7.57 -5.75
CA LEU F 65 -61.34 -6.32 -5.29
C LEU F 65 -62.78 -6.23 -5.80
N ARG F 66 -62.93 -6.50 -7.09
CA ARG F 66 -64.28 -6.43 -7.68
C ARG F 66 -65.10 -7.55 -7.03
N GLN F 67 -64.50 -8.71 -6.84
CA GLN F 67 -65.24 -9.87 -6.35
C GLN F 67 -65.86 -9.63 -4.95
N LEU F 68 -65.13 -8.94 -4.07
CA LEU F 68 -65.62 -8.64 -2.72
C LEU F 68 -66.72 -7.57 -2.74
N ARG F 69 -66.64 -6.63 -3.68
CA ARG F 69 -67.61 -5.57 -3.95
C ARG F 69 -69.01 -6.13 -4.17
N ARG F 70 -69.18 -6.98 -5.18
CA ARG F 70 -70.56 -7.47 -5.49
C ARG F 70 -71.12 -8.20 -4.27
N ASP F 71 -70.52 -9.34 -3.97
CA ASP F 71 -71.02 -10.15 -2.86
C ASP F 71 -69.85 -10.54 -1.96
N ALA F 72 -69.25 -9.58 -1.26
CA ALA F 72 -68.21 -10.01 -0.30
C ALA F 72 -68.05 -8.98 0.84
N SER F 73 -67.62 -9.41 2.03
CA SER F 73 -67.60 -8.51 3.22
C SER F 73 -66.89 -7.19 2.99
N LEU F 74 -67.33 -6.16 3.72
CA LEU F 74 -66.67 -4.85 3.61
C LEU F 74 -65.34 -4.96 4.33
N GLN F 75 -65.38 -5.56 5.51
CA GLN F 75 -64.10 -5.49 6.20
C GLN F 75 -62.93 -5.99 5.32
N GLU F 76 -63.10 -7.13 4.64
CA GLU F 76 -62.01 -7.71 3.86
C GLU F 76 -61.75 -6.93 2.58
N TYR F 77 -62.80 -6.33 2.01
CA TYR F 77 -62.69 -5.44 0.86
C TYR F 77 -61.84 -4.21 1.22
N ASN F 78 -62.08 -3.66 2.42
CA ASN F 78 -61.38 -2.52 2.98
C ASN F 78 -59.88 -2.79 3.12
N GLN F 79 -59.54 -4.00 3.60
CA GLN F 79 -58.17 -4.39 3.87
C GLN F 79 -57.38 -4.63 2.58
N LEU F 80 -57.99 -5.30 1.60
CA LEU F 80 -57.35 -5.62 0.32
C LEU F 80 -57.06 -4.34 -0.46
N GLN F 81 -57.92 -3.33 -0.23
CA GLN F 81 -57.69 -2.00 -0.76
C GLN F 81 -56.35 -1.46 -0.31
N GLN F 82 -56.04 -1.68 0.99
CA GLN F 82 -54.77 -1.28 1.59
C GLN F 82 -53.60 -1.93 0.87
N VAL F 83 -53.65 -3.25 0.69
CA VAL F 83 -52.54 -4.01 0.10
C VAL F 83 -52.31 -3.58 -1.33
N PHE F 84 -53.41 -3.47 -2.09
CA PHE F 84 -53.34 -3.02 -3.47
C PHE F 84 -52.69 -1.65 -3.54
N LYS F 85 -53.12 -0.76 -2.65
CA LYS F 85 -52.65 0.61 -2.59
C LYS F 85 -51.16 0.68 -2.32
N GLN F 86 -50.66 -0.20 -1.44
CA GLN F 86 -49.27 -0.18 -1.04
C GLN F 86 -48.37 -0.77 -2.12
N THR F 87 -48.83 -1.87 -2.75
CA THR F 87 -48.07 -2.56 -3.77
C THR F 87 -48.07 -1.79 -5.09
N PHE F 88 -49.21 -1.18 -5.44
CA PHE F 88 -49.43 -0.68 -6.80
C PHE F 88 -49.62 0.82 -6.90
N LEU F 89 -50.13 1.51 -5.86
CA LEU F 89 -50.25 2.96 -5.87
C LEU F 89 -49.12 3.61 -5.04
N SER G 7 52.09 5.96 5.13
CA SER G 7 51.80 5.05 6.28
C SER G 7 50.57 4.18 6.01
N LEU G 8 49.42 4.77 5.67
CA LEU G 8 48.22 4.00 5.36
C LEU G 8 48.46 3.02 4.23
N LEU G 9 49.09 3.49 3.15
CA LEU G 9 49.48 2.66 2.02
C LEU G 9 50.44 1.55 2.48
N THR G 10 51.35 1.89 3.40
CA THR G 10 52.39 1.00 3.87
C THR G 10 51.84 -0.06 4.85
N MET G 11 50.93 0.36 5.74
CA MET G 11 50.42 -0.50 6.81
C MET G 11 49.46 -1.55 6.26
N PHE G 12 48.62 -1.15 5.31
CA PHE G 12 47.63 -2.05 4.73
C PHE G 12 48.27 -3.09 3.83
N ARG G 13 49.51 -2.84 3.40
CA ARG G 13 50.28 -3.80 2.61
C ARG G 13 50.53 -5.07 3.42
N GLU G 14 50.51 -4.99 4.76
CA GLU G 14 51.03 -6.05 5.60
C GLU G 14 49.94 -6.84 6.33
N LEU G 15 48.65 -6.69 5.95
CA LEU G 15 47.58 -7.40 6.62
C LEU G 15 47.01 -8.55 5.78
N GLY G 16 47.59 -9.74 5.98
CA GLY G 16 47.09 -10.94 5.33
C GLY G 16 48.06 -12.08 5.42
N LEU G 20 52.97 -13.59 4.17
CA LEU G 20 51.94 -13.25 3.16
C LEU G 20 51.63 -11.75 3.20
N PRO G 21 51.78 -11.05 2.07
CA PRO G 21 51.25 -9.70 1.89
C PRO G 21 49.80 -9.68 1.40
N LEU G 22 49.28 -8.48 1.14
CA LEU G 22 47.93 -8.31 0.63
C LEU G 22 48.00 -7.66 -0.75
N GLN G 23 47.23 -8.25 -1.66
CA GLN G 23 47.33 -7.89 -3.07
C GLN G 23 46.55 -6.62 -3.32
N ILE G 24 47.09 -5.78 -4.20
CA ILE G 24 46.38 -4.61 -4.70
C ILE G 24 45.33 -5.08 -5.69
N GLU G 25 44.05 -4.86 -5.35
CA GLU G 25 42.95 -5.24 -6.23
C GLU G 25 42.76 -4.18 -7.31
N GLN G 26 42.64 -4.65 -8.54
CA GLN G 26 42.43 -3.78 -9.68
C GLN G 26 40.95 -3.72 -9.99
N PHE G 27 40.46 -2.49 -10.19
CA PHE G 27 39.06 -2.27 -10.57
C PHE G 27 38.99 -1.29 -11.74
N GLU G 28 38.22 -1.68 -12.76
CA GLU G 28 38.12 -0.96 -14.02
C GLU G 28 37.11 0.19 -13.93
N ARG G 29 37.08 1.00 -15.00
CA ARG G 29 36.26 2.19 -15.09
C ARG G 29 34.77 1.86 -14.99
N GLY G 30 34.08 2.36 -13.96
CA GLY G 30 32.65 2.20 -13.84
C GLY G 30 32.21 0.95 -13.07
N LYS G 31 33.16 0.07 -12.71
CA LYS G 31 32.88 -1.17 -11.99
C LYS G 31 32.38 -0.90 -10.58
N THR G 32 31.38 -1.65 -10.13
CA THR G 32 30.90 -1.53 -8.76
C THR G 32 31.77 -2.35 -7.81
N ILE G 33 31.97 -1.80 -6.61
CA ILE G 33 32.79 -2.37 -5.57
C ILE G 33 31.90 -3.17 -4.63
N PHE G 34 30.86 -2.53 -4.08
CA PHE G 34 29.86 -3.26 -3.30
C PHE G 34 28.46 -2.69 -3.53
N PHE G 35 27.47 -3.60 -3.41
CA PHE G 35 26.08 -3.29 -3.61
C PHE G 35 25.36 -3.30 -2.28
N PRO G 36 24.20 -2.64 -2.18
CA PRO G 36 23.33 -2.80 -1.01
C PRO G 36 22.81 -4.23 -0.92
N GLY G 37 22.93 -4.85 0.26
CA GLY G 37 22.55 -6.24 0.43
C GLY G 37 23.73 -7.14 0.77
N ASP G 38 24.95 -6.67 0.45
CA ASP G 38 26.19 -7.38 0.76
C ASP G 38 26.48 -7.28 2.24
N PRO G 39 26.95 -8.34 2.90
CA PRO G 39 27.39 -8.23 4.28
C PRO G 39 28.64 -7.36 4.37
N ALA G 40 28.58 -6.36 5.25
CA ALA G 40 29.71 -5.49 5.49
C ALA G 40 30.74 -6.20 6.36
N GLU G 41 31.71 -6.83 5.69
CA GLU G 41 32.72 -7.60 6.38
C GLU G 41 34.13 -7.10 6.09
N ARG G 42 34.24 -5.96 5.38
CA ARG G 42 35.53 -5.48 4.93
C ARG G 42 35.68 -3.99 5.06
N VAL G 43 36.94 -3.57 5.22
CA VAL G 43 37.34 -2.18 5.24
C VAL G 43 38.24 -1.92 4.05
N TYR G 44 37.97 -0.84 3.31
CA TYR G 44 38.66 -0.57 2.08
C TYR G 44 39.58 0.63 2.22
N LEU G 45 40.58 0.72 1.34
CA LEU G 45 41.47 1.87 1.27
C LEU G 45 41.82 2.19 -0.17
N LEU G 46 41.31 3.34 -0.63
CA LEU G 46 41.51 3.84 -1.99
C LEU G 46 42.96 4.27 -2.16
N VAL G 47 43.61 3.80 -3.22
CA VAL G 47 45.03 4.07 -3.44
C VAL G 47 45.22 5.05 -4.60
N LYS G 48 44.64 4.72 -5.76
CA LYS G 48 44.66 5.61 -6.91
C LYS G 48 43.30 5.74 -7.55
N GLY G 49 42.89 6.97 -7.88
CA GLY G 49 41.66 7.25 -8.62
C GLY G 49 40.58 7.87 -7.75
N ALA G 50 39.32 7.68 -8.14
CA ALA G 50 38.17 8.29 -7.45
C ALA G 50 37.06 7.27 -7.28
N VAL G 51 36.35 7.36 -6.14
CA VAL G 51 35.24 6.45 -5.87
C VAL G 51 34.00 7.27 -5.53
N LYS G 52 32.88 6.94 -6.18
CA LYS G 52 31.59 7.54 -5.91
C LYS G 52 30.76 6.63 -5.00
N LEU G 53 30.41 7.15 -3.83
CA LEU G 53 29.47 6.51 -2.95
C LEU G 53 28.12 7.17 -3.15
N SER G 54 27.09 6.35 -3.40
CA SER G 54 25.79 6.89 -3.70
C SER G 54 24.68 6.08 -3.05
N ARG G 55 23.59 6.78 -2.77
CA ARG G 55 22.37 6.18 -2.26
C ARG G 55 21.38 6.07 -3.41
N VAL G 56 20.67 4.95 -3.49
CA VAL G 56 19.68 4.75 -4.54
C VAL G 56 18.33 4.52 -3.90
N TYR G 57 17.33 5.28 -4.38
CA TYR G 57 15.96 5.12 -3.95
C TYR G 57 15.20 4.16 -4.87
N GLU G 58 14.00 3.79 -4.46
CA GLU G 58 13.13 2.93 -5.25
C GLU G 58 12.60 3.66 -6.47
N SER G 59 12.49 4.99 -6.36
CA SER G 59 12.10 5.85 -7.47
C SER G 59 13.14 5.81 -8.61
N GLY G 60 14.30 5.22 -8.34
CA GLY G 60 15.36 5.06 -9.33
C GLY G 60 16.42 6.16 -9.23
N GLU G 61 16.32 6.97 -8.18
CA GLU G 61 17.12 8.19 -8.04
C GLU G 61 18.42 7.91 -7.30
N GLU G 62 19.53 8.46 -7.84
CA GLU G 62 20.84 8.38 -7.21
C GLU G 62 21.23 9.70 -6.56
N ILE G 63 21.79 9.60 -5.35
CA ILE G 63 22.30 10.73 -4.60
C ILE G 63 23.73 10.44 -4.20
N THR G 64 24.64 11.29 -4.66
CA THR G 64 26.06 11.12 -4.34
C THR G 64 26.30 11.58 -2.89
N VAL G 65 26.88 10.69 -2.09
CA VAL G 65 27.16 10.94 -0.69
C VAL G 65 28.48 11.68 -0.60
N ALA G 66 29.51 11.11 -1.24
CA ALA G 66 30.81 11.73 -1.34
C ALA G 66 31.57 11.11 -2.50
N LEU G 67 32.49 11.88 -3.08
CA LEU G 67 33.38 11.41 -4.10
C LEU G 67 34.80 11.36 -3.53
N LEU G 68 35.24 10.15 -3.16
CA LEU G 68 36.41 9.96 -2.31
C LEU G 68 37.69 10.00 -3.13
N ARG G 69 38.80 10.44 -2.49
CA ARG G 69 40.08 10.51 -3.17
C ARG G 69 41.10 9.56 -2.57
N GLU G 70 42.36 9.65 -3.04
CA GLU G 70 43.44 8.77 -2.65
C GLU G 70 43.71 8.79 -1.14
N ASN G 71 44.12 7.63 -0.62
CA ASN G 71 44.45 7.40 0.78
C ASN G 71 43.26 7.65 1.71
N SER G 72 42.05 7.32 1.24
CA SER G 72 40.81 7.43 2.01
C SER G 72 40.32 6.05 2.45
N VAL G 73 39.78 5.99 3.66
CA VAL G 73 39.23 4.77 4.21
C VAL G 73 37.72 4.77 4.02
N PHE G 74 37.17 3.72 3.38
CA PHE G 74 35.73 3.53 3.30
C PHE G 74 35.37 2.07 3.58
N GLY G 75 34.08 1.78 3.48
CA GLY G 75 33.56 0.51 3.92
C GLY G 75 33.49 0.47 5.42
N VAL G 76 33.19 1.63 6.04
CA VAL G 76 33.42 1.80 7.47
C VAL G 76 32.30 1.17 8.30
N LEU G 77 31.27 0.61 7.64
CA LEU G 77 30.16 -0.04 8.34
C LEU G 77 30.66 -1.27 9.09
N SER G 78 31.65 -1.95 8.50
CA SER G 78 32.14 -3.20 9.02
C SER G 78 32.70 -3.07 10.44
N LEU G 79 33.01 -1.84 10.89
CA LEU G 79 33.72 -1.68 12.15
C LEU G 79 32.76 -1.62 13.34
N LEU G 80 31.45 -1.61 13.09
CA LEU G 80 30.47 -1.37 14.13
C LEU G 80 29.86 -2.64 14.69
N THR G 81 29.46 -3.59 13.82
CA THR G 81 28.90 -4.86 14.27
C THR G 81 29.64 -6.05 13.65
N GLY G 82 30.39 -5.78 12.58
CA GLY G 82 31.07 -6.80 11.84
C GLY G 82 30.25 -7.18 10.62
N GLN G 83 30.51 -8.39 10.12
CA GLN G 83 29.81 -8.94 8.97
C GLN G 83 28.30 -9.02 9.22
N ARG G 84 27.85 -8.73 10.44
CA ARG G 84 26.45 -8.84 10.85
C ARG G 84 25.50 -7.94 10.03
N SER G 85 25.98 -6.75 9.65
CA SER G 85 25.15 -5.75 8.99
C SER G 85 25.28 -5.85 7.47
N ASP G 86 24.21 -5.46 6.75
CA ASP G 86 24.22 -5.44 5.30
C ASP G 86 24.33 -4.01 4.78
N ARG G 87 25.09 -3.87 3.69
CA ARG G 87 25.40 -2.61 3.05
C ARG G 87 24.13 -1.93 2.56
N PHE G 88 24.26 -0.64 2.24
CA PHE G 88 23.12 0.18 1.84
C PHE G 88 23.50 1.22 0.80
N TYR G 89 24.80 1.50 0.62
CA TYR G 89 25.22 2.45 -0.39
C TYR G 89 25.76 1.73 -1.62
N HIS G 90 25.96 2.49 -2.70
CA HIS G 90 26.44 1.93 -3.94
C HIS G 90 27.85 2.45 -4.18
N ALA G 91 28.84 1.62 -3.88
CA ALA G 91 30.23 2.00 -4.04
C ALA G 91 30.71 1.66 -5.45
N VAL G 92 30.89 2.69 -6.29
CA VAL G 92 31.31 2.50 -7.66
C VAL G 92 32.60 3.25 -7.90
N ALA G 93 33.51 2.65 -8.64
CA ALA G 93 34.72 3.34 -9.06
C ALA G 93 34.37 4.33 -10.16
N PHE G 94 34.42 5.63 -9.84
CA PHE G 94 34.14 6.69 -10.79
C PHE G 94 35.23 6.76 -11.86
N THR G 95 36.45 6.35 -11.50
CA THR G 95 37.57 6.30 -12.43
C THR G 95 38.26 4.95 -12.29
N PRO G 96 39.30 4.64 -13.11
CA PRO G 96 40.15 3.49 -12.84
C PRO G 96 40.75 3.59 -11.44
N VAL G 97 40.67 2.49 -10.66
CA VAL G 97 41.02 2.54 -9.25
C VAL G 97 41.84 1.33 -8.79
N GLN G 98 42.75 1.60 -7.85
CA GLN G 98 43.48 0.58 -7.12
C GLN G 98 43.04 0.67 -5.66
N LEU G 99 42.83 -0.47 -5.02
CA LEU G 99 42.56 -0.45 -3.59
C LEU G 99 42.96 -1.73 -2.86
N PHE G 100 43.03 -1.62 -1.52
CA PHE G 100 43.19 -2.74 -0.62
C PHE G 100 41.83 -3.08 0.01
N SER G 101 41.70 -4.32 0.46
CA SER G 101 40.42 -4.81 0.92
C SER G 101 40.58 -5.85 2.02
N VAL G 102 40.81 -5.36 3.25
CA VAL G 102 41.10 -6.24 4.37
C VAL G 102 39.81 -6.57 5.13
N PRO G 103 39.64 -7.83 5.55
CA PRO G 103 38.49 -8.27 6.32
C PRO G 103 38.46 -7.73 7.74
N ILE G 104 37.27 -7.83 8.36
CA ILE G 104 37.02 -7.33 9.70
C ILE G 104 37.69 -8.25 10.74
N GLU G 105 37.61 -9.58 10.55
CA GLU G 105 38.16 -10.54 11.50
C GLU G 105 39.70 -10.56 11.44
N PHE G 106 40.27 -10.27 10.25
CA PHE G 106 41.71 -10.08 10.11
C PHE G 106 42.12 -8.72 10.67
N MET G 107 41.17 -7.78 10.80
CA MET G 107 41.46 -6.45 11.30
C MET G 107 41.44 -6.46 12.83
N GLN G 108 40.50 -7.19 13.44
CA GLN G 108 40.47 -7.33 14.89
C GLN G 108 41.82 -7.85 15.41
N LYS G 109 42.37 -8.84 14.71
CA LYS G 109 43.75 -9.32 14.81
C LYS G 109 44.77 -8.18 14.65
N ALA G 110 44.67 -7.43 13.54
CA ALA G 110 45.67 -6.48 13.07
C ALA G 110 45.75 -5.23 13.94
N LEU G 111 44.67 -4.91 14.67
CA LEU G 111 44.63 -3.72 15.50
C LEU G 111 45.35 -3.97 16.84
N ILE G 112 45.11 -5.14 17.44
CA ILE G 112 45.79 -5.55 18.67
C ILE G 112 47.26 -5.89 18.38
N GLU G 113 47.52 -6.35 17.15
CA GLU G 113 48.87 -6.62 16.66
C GLU G 113 49.69 -5.32 16.61
N ARG G 114 49.24 -4.34 15.82
CA ARG G 114 50.02 -3.12 15.59
C ARG G 114 49.30 -1.88 16.13
N PRO G 115 49.81 -1.30 17.24
CA PRO G 115 49.33 -0.01 17.73
C PRO G 115 49.78 1.17 16.88
N GLU G 116 50.76 0.93 16.00
CA GLU G 116 51.23 1.93 15.06
C GLU G 116 50.18 2.11 13.96
N LEU G 117 49.56 0.99 13.56
CA LEU G 117 48.51 0.93 12.55
C LEU G 117 47.22 1.59 13.04
N ALA G 118 46.88 1.36 14.31
CA ALA G 118 45.68 1.96 14.91
C ALA G 118 45.78 3.49 14.89
N ASN G 119 46.99 4.02 15.11
CA ASN G 119 47.33 5.42 14.95
C ASN G 119 47.06 5.85 13.52
N VAL G 120 47.62 5.08 12.58
CA VAL G 120 47.53 5.33 11.14
C VAL G 120 46.08 5.31 10.68
N MET G 121 45.27 4.43 11.27
CA MET G 121 43.90 4.26 10.84
C MET G 121 43.02 5.40 11.34
N LEU G 122 43.15 5.77 12.61
CA LEU G 122 42.36 6.85 13.17
C LEU G 122 42.67 8.16 12.45
N GLN G 123 43.87 8.28 11.89
CA GLN G 123 44.25 9.40 11.03
C GLN G 123 43.34 9.46 9.81
N GLY G 124 43.20 8.33 9.12
CA GLY G 124 42.40 8.26 7.91
C GLY G 124 40.92 8.49 8.19
N LEU G 125 40.40 7.90 9.27
CA LEU G 125 39.02 8.04 9.70
C LEU G 125 38.69 9.49 10.02
N SER G 126 39.61 10.18 10.69
CA SER G 126 39.42 11.58 11.05
C SER G 126 39.16 12.39 9.80
N SER G 127 40.08 12.26 8.84
CA SER G 127 40.01 12.98 7.58
C SER G 127 38.63 12.83 6.94
N ARG G 128 38.07 11.62 7.02
CA ARG G 128 36.78 11.32 6.42
C ARG G 128 35.69 12.15 7.09
N ILE G 129 35.68 12.18 8.43
CA ILE G 129 34.64 12.93 9.12
C ILE G 129 34.60 14.34 8.57
N LEU G 130 35.76 15.01 8.57
CA LEU G 130 35.81 16.42 8.18
C LEU G 130 35.42 16.60 6.72
N GLN G 131 35.92 15.75 5.81
CA GLN G 131 35.61 15.85 4.40
C GLN G 131 34.10 15.70 4.16
N THR G 132 33.45 14.81 4.93
CA THR G 132 32.02 14.61 4.86
C THR G 132 31.28 15.80 5.47
N GLU G 133 31.85 16.35 6.54
CA GLU G 133 31.27 17.53 7.18
C GLU G 133 31.48 18.76 6.29
N MET G 134 32.60 18.81 5.55
CA MET G 134 32.86 19.87 4.59
C MET G 134 31.76 19.89 3.55
N MET G 135 31.28 18.71 3.17
CA MET G 135 30.23 18.58 2.19
C MET G 135 28.92 19.13 2.75
N ILE G 136 28.70 18.94 4.04
CA ILE G 136 27.51 19.46 4.70
C ILE G 136 27.47 20.97 4.55
N GLU G 137 28.61 21.65 4.78
CA GLU G 137 28.71 23.09 4.56
C GLU G 137 28.23 23.46 3.15
N THR G 138 28.75 22.76 2.14
CA THR G 138 28.43 23.02 0.74
C THR G 138 26.91 22.94 0.51
N LEU G 139 26.28 21.83 0.90
CA LEU G 139 24.85 21.61 0.70
C LEU G 139 23.97 22.52 1.57
N ALA G 140 24.52 23.09 2.65
CA ALA G 140 23.72 23.89 3.58
C ALA G 140 23.55 25.32 3.07
N HIS G 141 24.21 25.64 1.95
CA HIS G 141 24.00 26.93 1.31
C HIS G 141 22.61 26.95 0.69
N ARG G 142 22.12 28.13 0.40
CA ARG G 142 20.80 28.16 -0.27
C ARG G 142 21.04 28.56 -1.72
N ASP G 143 21.75 29.65 -1.92
CA ASP G 143 22.08 30.00 -3.29
C ASP G 143 22.73 28.79 -3.96
N MET G 144 22.05 28.25 -4.96
CA MET G 144 22.55 27.14 -5.75
C MET G 144 23.84 27.55 -6.48
N GLY G 145 23.97 28.85 -6.78
CA GLY G 145 25.21 29.40 -7.33
C GLY G 145 26.38 29.22 -6.38
N SER G 146 26.19 29.67 -5.15
CA SER G 146 27.18 29.55 -4.09
C SER G 146 27.44 28.08 -3.81
N ARG G 147 26.37 27.28 -3.80
CA ARG G 147 26.46 25.86 -3.50
C ARG G 147 27.31 25.13 -4.54
N LEU G 148 27.15 25.47 -5.81
CA LEU G 148 27.89 24.83 -6.89
C LEU G 148 29.39 25.13 -6.79
N VAL G 149 29.76 26.40 -6.60
CA VAL G 149 31.15 26.81 -6.54
C VAL G 149 31.85 26.12 -5.38
N SER G 150 31.18 26.09 -4.22
CA SER G 150 31.68 25.42 -3.04
C SER G 150 32.06 23.98 -3.39
N PHE G 151 31.16 23.29 -4.09
CA PHE G 151 31.40 21.93 -4.56
C PHE G 151 32.56 21.87 -5.55
N LEU G 152 32.62 22.83 -6.49
CA LEU G 152 33.66 22.88 -7.50
C LEU G 152 35.03 22.98 -6.82
N LEU G 153 35.10 23.81 -5.77
CA LEU G 153 36.35 24.03 -5.06
C LEU G 153 36.85 22.72 -4.46
N ILE G 154 35.92 21.90 -3.96
CA ILE G 154 36.29 20.64 -3.34
C ILE G 154 36.91 19.70 -4.38
N LEU G 155 36.27 19.65 -5.55
CA LEU G 155 36.78 18.81 -6.64
C LEU G 155 38.20 19.23 -7.01
N CYS G 156 38.42 20.55 -7.14
CA CYS G 156 39.72 21.09 -7.49
C CYS G 156 40.74 20.77 -6.42
N ARG G 157 40.28 20.75 -5.16
CA ARG G 157 41.12 20.43 -4.03
C ARG G 157 41.57 18.97 -4.07
N ASP G 158 40.65 18.08 -4.48
CA ASP G 158 40.89 16.66 -4.37
C ASP G 158 41.41 16.06 -5.68
N PHE G 159 40.97 16.57 -6.84
CA PHE G 159 41.31 15.91 -8.10
C PHE G 159 41.91 16.87 -9.12
N GLY G 160 42.07 18.15 -8.75
CA GLY G 160 42.59 19.13 -9.67
C GLY G 160 44.10 18.95 -9.87
N ILE G 161 44.52 19.11 -11.13
CA ILE G 161 45.95 19.17 -11.43
C ILE G 161 46.31 20.56 -11.92
N PRO G 162 47.53 21.03 -11.59
CA PRO G 162 48.02 22.31 -12.08
C PRO G 162 48.00 22.41 -13.60
N SER G 163 47.60 23.58 -14.10
CA SER G 163 47.39 23.80 -15.52
C SER G 163 47.92 25.17 -15.94
N PRO G 164 48.23 25.36 -17.25
CA PRO G 164 48.67 26.64 -17.80
C PRO G 164 48.02 27.91 -17.26
N ASP G 165 46.68 27.94 -17.16
CA ASP G 165 45.97 29.17 -16.82
C ASP G 165 45.14 29.03 -15.54
N GLY G 166 45.13 27.84 -14.93
CA GLY G 166 44.34 27.60 -13.73
C GLY G 166 44.52 26.16 -13.24
N ILE G 167 43.44 25.52 -12.77
CA ILE G 167 43.51 24.11 -12.39
C ILE G 167 42.39 23.31 -13.05
N THR G 168 42.81 22.30 -13.81
CA THR G 168 41.92 21.37 -14.48
C THR G 168 41.59 20.23 -13.53
N ILE G 169 40.29 20.02 -13.30
CA ILE G 169 39.80 18.91 -12.49
C ILE G 169 40.08 17.63 -13.26
N ASP G 170 41.07 16.87 -12.79
CA ASP G 170 41.61 15.74 -13.53
C ASP G 170 40.66 14.55 -13.41
N LEU G 171 39.50 14.69 -14.02
CA LEU G 171 38.58 13.58 -14.21
C LEU G 171 37.34 14.08 -14.95
N LYS G 172 36.75 13.19 -15.75
CA LYS G 172 35.61 13.53 -16.57
C LYS G 172 34.32 13.41 -15.75
N LEU G 173 33.51 14.48 -15.72
CA LEU G 173 32.33 14.54 -14.88
C LEU G 173 31.09 14.92 -15.70
N SER G 174 30.00 14.18 -15.49
CA SER G 174 28.74 14.44 -16.18
C SER G 174 27.93 15.44 -15.40
N HIS G 175 27.07 16.19 -16.09
CA HIS G 175 26.25 17.19 -15.45
C HIS G 175 25.27 16.57 -14.49
N GLN G 176 24.81 15.35 -14.78
CA GLN G 176 23.92 14.65 -13.86
C GLN G 176 24.67 14.24 -12.59
N ALA G 177 25.91 13.72 -12.75
CA ALA G 177 26.74 13.33 -11.62
C ALA G 177 26.95 14.49 -10.66
N ILE G 178 27.16 15.70 -11.23
CA ILE G 178 27.27 16.91 -10.44
C ILE G 178 25.92 17.21 -9.78
N ALA G 179 24.86 17.16 -10.57
CA ALA G 179 23.53 17.44 -10.07
C ALA G 179 23.12 16.51 -8.94
N GLU G 180 23.54 15.25 -9.00
CA GLU G 180 23.22 14.28 -7.98
C GLU G 180 23.93 14.59 -6.66
N ALA G 181 25.08 15.28 -6.76
CA ALA G 181 25.93 15.59 -5.62
C ALA G 181 25.51 16.86 -4.88
N ILE G 182 24.93 17.84 -5.60
CA ILE G 182 24.58 19.13 -5.03
C ILE G 182 23.07 19.32 -4.88
N GLY G 183 22.31 18.24 -5.08
CA GLY G 183 20.87 18.24 -4.86
C GLY G 183 20.14 19.10 -5.88
N SER G 184 20.33 18.80 -7.17
CA SER G 184 19.76 19.63 -8.24
C SER G 184 19.51 18.78 -9.48
N THR G 185 18.95 19.41 -10.52
CA THR G 185 18.78 18.79 -11.83
C THR G 185 19.99 19.09 -12.69
N ARG G 186 20.21 18.23 -13.70
CA ARG G 186 21.31 18.43 -14.63
C ARG G 186 21.16 19.77 -15.37
N VAL G 187 19.92 20.21 -15.55
CA VAL G 187 19.55 21.43 -16.23
C VAL G 187 20.20 22.65 -15.58
N THR G 188 20.01 22.76 -14.27
CA THR G 188 20.45 23.91 -13.48
C THR G 188 21.97 23.95 -13.42
N VAL G 189 22.58 22.77 -13.30
CA VAL G 189 24.04 22.65 -13.39
C VAL G 189 24.53 23.28 -14.69
N THR G 190 23.89 22.91 -15.82
CA THR G 190 24.25 23.44 -17.13
C THR G 190 24.08 24.95 -17.20
N ARG G 191 22.93 25.43 -16.68
CA ARG G 191 22.60 26.84 -16.69
C ARG G 191 23.70 27.64 -15.96
N LEU G 192 24.01 27.23 -14.73
CA LEU G 192 24.89 27.99 -13.86
C LEU G 192 26.34 27.92 -14.37
N LEU G 193 26.74 26.76 -14.94
CA LEU G 193 28.08 26.61 -15.51
C LEU G 193 28.24 27.55 -16.70
N GLY G 194 27.21 27.65 -17.54
CA GLY G 194 27.24 28.54 -18.68
C GLY G 194 27.37 30.00 -18.26
N ASP G 195 26.78 30.37 -17.10
CA ASP G 195 26.87 31.71 -16.57
C ASP G 195 28.26 32.02 -16.01
N LEU G 196 29.00 30.98 -15.60
CA LEU G 196 30.36 31.15 -15.13
C LEU G 196 31.32 31.21 -16.32
N ARG G 197 30.91 30.61 -17.45
CA ARG G 197 31.68 30.68 -18.68
C ARG G 197 31.56 32.07 -19.31
N GLU G 198 30.40 32.71 -19.15
CA GLU G 198 30.19 34.09 -19.60
C GLU G 198 30.95 35.06 -18.69
N SER G 199 31.02 34.71 -17.39
CA SER G 199 31.84 35.43 -16.41
C SER G 199 33.33 35.06 -16.57
N LYS G 200 33.59 34.05 -17.42
CA LYS G 200 34.91 33.50 -17.73
C LYS G 200 35.72 33.16 -16.49
N LEU G 201 35.05 32.46 -15.55
CA LEU G 201 35.67 32.00 -14.32
C LEU G 201 36.11 30.55 -14.46
N ILE G 202 35.58 29.86 -15.47
CA ILE G 202 35.94 28.47 -15.75
C ILE G 202 36.05 28.24 -17.25
N ALA G 203 36.66 27.09 -17.60
CA ALA G 203 36.77 26.63 -18.98
C ALA G 203 36.61 25.12 -19.04
N ILE G 204 35.92 24.63 -20.07
CA ILE G 204 35.69 23.21 -20.26
C ILE G 204 36.59 22.70 -21.39
N HIS G 205 37.66 21.99 -20.99
CA HIS G 205 38.64 21.48 -21.92
C HIS G 205 38.65 19.96 -21.90
N LYS G 206 38.30 19.35 -23.04
CA LYS G 206 38.19 17.89 -23.18
C LYS G 206 37.26 17.31 -22.12
N LYS G 207 36.06 17.91 -21.99
CA LYS G 207 35.04 17.54 -21.01
C LYS G 207 35.51 17.71 -19.56
N ARG G 208 36.60 18.45 -19.34
CA ARG G 208 37.19 18.63 -18.02
C ARG G 208 37.04 20.07 -17.57
N ILE G 209 36.58 20.24 -16.32
CA ILE G 209 36.29 21.57 -15.79
C ILE G 209 37.55 22.20 -15.26
N THR G 210 37.87 23.41 -15.70
CA THR G 210 39.18 23.96 -15.25
C THR G 210 38.89 25.23 -14.48
N VAL G 211 39.60 25.44 -13.38
CA VAL G 211 39.23 26.63 -12.56
C VAL G 211 40.15 27.79 -12.88
N PHE G 212 39.59 28.98 -12.85
CA PHE G 212 40.42 30.18 -13.06
C PHE G 212 40.59 30.85 -11.70
N ASN G 213 41.85 31.01 -11.27
CA ASN G 213 42.09 31.74 -10.02
C ASN G 213 41.19 31.19 -8.93
N PRO G 214 41.38 29.94 -8.52
CA PRO G 214 40.57 29.36 -7.47
C PRO G 214 40.42 30.34 -6.32
N VAL G 215 41.54 30.86 -5.85
CA VAL G 215 41.44 31.73 -4.66
C VAL G 215 40.37 32.79 -4.92
N ALA G 216 40.32 33.39 -6.12
CA ALA G 216 39.32 34.44 -6.22
C ALA G 216 37.92 33.87 -5.99
N LEU G 217 37.68 32.63 -6.45
CA LEU G 217 36.39 31.98 -6.30
C LEU G 217 36.08 31.73 -4.82
N SER G 218 37.12 31.37 -4.05
CA SER G 218 37.01 31.09 -2.63
C SER G 218 36.78 32.37 -1.82
N GLN G 219 37.32 33.47 -2.31
CA GLN G 219 37.18 34.76 -1.66
C GLN G 219 35.72 35.24 -1.72
N GLN G 220 34.91 34.63 -2.60
CA GLN G 220 33.48 34.92 -2.69
C GLN G 220 32.73 34.24 -1.54
N PHE G 221 33.46 33.45 -0.71
CA PHE G 221 32.92 32.79 0.46
C PHE G 221 33.39 33.47 1.75
N SER G 222 33.29 34.82 1.77
CA SER G 222 33.65 35.61 2.93
C SER G 222 32.48 35.69 3.91
N ASN H 6 29.59 1.88 24.29
CA ASN H 6 29.66 0.99 25.49
C ASN H 6 31.04 1.10 26.13
N SER H 7 32.08 0.73 25.37
CA SER H 7 33.46 0.72 25.84
C SER H 7 34.05 2.13 25.80
N LEU H 8 33.53 3.00 24.94
CA LEU H 8 34.06 4.34 24.77
C LEU H 8 34.04 5.12 26.08
N LEU H 9 32.90 5.05 26.79
CA LEU H 9 32.76 5.70 28.09
C LEU H 9 33.73 5.07 29.10
N THR H 10 33.94 3.75 29.00
CA THR H 10 34.81 3.01 29.89
C THR H 10 36.28 3.30 29.60
N MET H 11 36.66 3.38 28.31
CA MET H 11 38.05 3.54 27.90
C MET H 11 38.57 4.94 28.21
N PHE H 12 37.73 5.96 27.97
CA PHE H 12 38.11 7.35 28.22
C PHE H 12 38.33 7.65 29.70
N ARG H 13 37.71 6.81 30.53
CA ARG H 13 37.80 6.91 31.98
C ARG H 13 39.23 6.68 32.46
N GLU H 14 40.04 5.93 31.70
CA GLU H 14 41.31 5.44 32.21
C GLU H 14 42.53 6.15 31.60
N LEU H 15 42.32 7.28 30.94
CA LEU H 15 43.46 8.14 30.52
C LEU H 15 43.50 9.11 31.70
N GLY H 16 44.45 8.97 32.62
CA GLY H 16 44.31 9.71 33.89
C GLY H 16 45.14 10.92 34.28
N SER H 17 44.52 12.10 34.31
CA SER H 17 45.12 13.27 34.94
C SER H 17 45.78 12.87 36.28
N LEU H 20 45.52 6.95 38.16
CA LEU H 20 44.12 7.43 38.34
C LEU H 20 43.39 7.53 37.00
N PRO H 21 42.05 7.68 37.02
CA PRO H 21 41.29 8.18 35.88
C PRO H 21 41.24 9.70 35.66
N LEU H 22 40.38 10.12 34.72
CA LEU H 22 40.20 11.49 34.32
C LEU H 22 38.78 11.94 34.70
N GLN H 23 38.69 13.19 35.15
CA GLN H 23 37.46 13.73 35.68
C GLN H 23 36.48 14.07 34.55
N ILE H 24 35.20 13.80 34.83
CA ILE H 24 34.11 14.21 33.95
C ILE H 24 33.92 15.72 34.12
N GLU H 25 34.10 16.45 33.00
CA GLU H 25 33.88 17.88 32.96
C GLU H 25 32.39 18.18 32.83
N GLN H 26 31.93 19.12 33.66
CA GLN H 26 30.56 19.57 33.63
C GLN H 26 30.47 20.85 32.82
N PHE H 27 29.44 20.90 31.97
CA PHE H 27 29.15 22.10 31.20
C PHE H 27 27.67 22.41 31.27
N GLU H 28 27.37 23.69 31.54
CA GLU H 28 26.01 24.20 31.69
C GLU H 28 25.43 24.54 30.32
N ARG H 29 24.12 24.81 30.30
CA ARG H 29 23.40 24.93 29.03
C ARG H 29 23.79 26.20 28.28
N GLY H 30 24.17 26.04 27.00
CA GLY H 30 24.51 27.16 26.13
C GLY H 30 25.99 27.54 26.19
N LYS H 31 26.75 26.92 27.12
CA LYS H 31 28.18 27.15 27.29
C LYS H 31 28.96 26.61 26.09
N THR H 32 29.96 27.38 25.65
CA THR H 32 30.75 26.94 24.51
C THR H 32 31.92 26.10 25.01
N ILE H 33 32.26 25.05 24.25
CA ILE H 33 33.38 24.18 24.56
C ILE H 33 34.61 24.66 23.79
N PHE H 34 34.52 24.86 22.48
CA PHE H 34 35.62 25.48 21.77
C PHE H 34 35.15 26.44 20.68
N PHE H 35 35.98 27.43 20.38
CA PHE H 35 35.70 28.38 19.33
C PHE H 35 36.72 28.23 18.21
N PRO H 36 36.43 28.79 17.03
CA PRO H 36 37.43 28.92 15.96
C PRO H 36 38.61 29.76 16.39
N GLY H 37 39.81 29.23 16.22
CA GLY H 37 41.03 29.95 16.62
C GLY H 37 41.78 29.27 17.75
N ASP H 38 41.11 28.36 18.46
CA ASP H 38 41.72 27.56 19.52
C ASP H 38 42.65 26.51 18.92
N PRO H 39 43.80 26.24 19.56
CA PRO H 39 44.68 25.17 19.11
C PRO H 39 44.01 23.82 19.28
N ALA H 40 43.96 23.05 18.18
CA ALA H 40 43.30 21.75 18.22
C ALA H 40 44.26 20.73 18.80
N GLU H 41 44.19 20.57 20.12
CA GLU H 41 45.10 19.68 20.81
C GLU H 41 44.36 18.64 21.65
N ARG H 42 43.04 18.51 21.47
CA ARG H 42 42.26 17.60 22.31
C ARG H 42 41.18 16.86 21.53
N VAL H 43 40.78 15.69 22.06
CA VAL H 43 39.63 14.98 21.55
C VAL H 43 38.63 14.80 22.66
N TYR H 44 37.36 14.95 22.30
CA TYR H 44 36.29 14.94 23.27
C TYR H 44 35.44 13.68 23.11
N LEU H 45 34.72 13.33 24.19
CA LEU H 45 33.68 12.32 24.14
C LEU H 45 32.45 12.77 24.95
N LEU H 46 31.34 13.00 24.24
CA LEU H 46 30.09 13.41 24.88
C LEU H 46 29.50 12.22 25.63
N VAL H 47 29.08 12.44 26.88
CA VAL H 47 28.57 11.36 27.72
C VAL H 47 27.05 11.45 27.87
N LYS H 48 26.57 12.63 28.29
CA LYS H 48 25.15 12.88 28.42
C LYS H 48 24.76 14.22 27.80
N GLY H 49 23.71 14.23 26.97
CA GLY H 49 23.18 15.45 26.38
C GLY H 49 23.43 15.56 24.88
N ALA H 50 23.45 16.80 24.36
CA ALA H 50 23.60 17.07 22.94
C ALA H 50 24.61 18.19 22.70
N VAL H 51 25.41 18.03 21.64
CA VAL H 51 26.45 18.99 21.29
C VAL H 51 26.16 19.53 19.90
N LYS H 52 26.15 20.86 19.79
CA LYS H 52 25.88 21.51 18.53
C LYS H 52 27.19 22.01 17.91
N LEU H 53 27.51 21.49 16.72
CA LEU H 53 28.67 21.94 15.99
C LEU H 53 28.16 22.83 14.88
N SER H 54 28.69 24.06 14.81
CA SER H 54 28.22 25.02 13.83
C SER H 54 29.37 25.82 13.24
N ARG H 55 29.14 26.31 12.03
CA ARG H 55 30.05 27.22 11.38
C ARG H 55 29.46 28.61 11.47
N VAL H 56 30.31 29.61 11.73
CA VAL H 56 29.88 31.00 11.73
C VAL H 56 30.57 31.77 10.62
N TYR H 57 29.75 32.51 9.86
CA TYR H 57 30.24 33.38 8.81
C TYR H 57 30.48 34.79 9.33
N GLU H 58 31.10 35.64 8.49
CA GLU H 58 31.34 37.03 8.84
C GLU H 58 30.03 37.82 8.86
N SER H 59 29.07 37.37 8.03
CA SER H 59 27.74 37.96 7.98
C SER H 59 26.98 37.77 9.29
N GLY H 60 27.51 36.92 10.18
CA GLY H 60 26.90 36.66 11.48
C GLY H 60 26.01 35.42 11.45
N GLU H 61 26.09 34.66 10.34
CA GLU H 61 25.21 33.53 10.08
C GLU H 61 25.81 32.24 10.64
N GLU H 62 24.98 31.46 11.33
CA GLU H 62 25.35 30.16 11.86
C GLU H 62 24.73 29.05 11.03
N ILE H 63 25.55 28.03 10.74
CA ILE H 63 25.10 26.85 10.02
C ILE H 63 25.45 25.62 10.84
N THR H 64 24.43 24.85 11.23
CA THR H 64 24.64 23.67 12.04
C THR H 64 25.18 22.54 11.16
N VAL H 65 26.34 21.98 11.53
CA VAL H 65 26.96 20.93 10.74
C VAL H 65 26.41 19.59 11.18
N ALA H 66 26.47 19.34 12.49
CA ALA H 66 25.94 18.13 13.06
C ALA H 66 25.51 18.38 14.50
N LEU H 67 24.48 17.65 14.93
CA LEU H 67 23.98 17.76 16.28
C LEU H 67 24.20 16.43 17.00
N LEU H 68 25.29 16.33 17.79
CA LEU H 68 25.79 15.03 18.22
C LEU H 68 25.13 14.52 19.50
N ARG H 69 25.15 13.20 19.64
CA ARG H 69 24.48 12.46 20.71
C ARG H 69 25.51 11.78 21.62
N GLU H 70 25.03 11.05 22.63
CA GLU H 70 25.85 10.33 23.60
C GLU H 70 26.78 9.32 22.93
N ASN H 71 27.96 9.12 23.54
CA ASN H 71 29.00 8.18 23.08
C ASN H 71 29.54 8.54 21.69
N SER H 72 29.57 9.84 21.36
CA SER H 72 30.11 10.32 20.08
C SER H 72 31.47 10.97 20.30
N VAL H 73 32.39 10.74 19.35
CA VAL H 73 33.71 11.34 19.42
C VAL H 73 33.74 12.57 18.52
N PHE H 74 34.18 13.71 19.06
CA PHE H 74 34.36 14.91 18.25
C PHE H 74 35.63 15.64 18.67
N GLY H 75 35.89 16.77 18.00
CA GLY H 75 37.16 17.44 18.10
C GLY H 75 38.22 16.67 17.33
N VAL H 76 37.80 16.16 16.17
CA VAL H 76 38.56 15.14 15.46
C VAL H 76 39.73 15.75 14.67
N LEU H 77 39.83 17.07 14.65
CA LEU H 77 40.90 17.77 13.95
C LEU H 77 42.25 17.39 14.56
N SER H 78 42.26 17.23 15.89
CA SER H 78 43.51 17.10 16.64
C SER H 78 44.29 15.86 16.21
N LEU H 79 43.65 14.91 15.51
CA LEU H 79 44.37 13.66 15.26
C LEU H 79 45.15 13.70 13.94
N LEU H 80 45.09 14.81 13.19
CA LEU H 80 45.64 14.85 11.83
C LEU H 80 47.01 15.50 11.76
N THR H 81 47.19 16.66 12.42
CA THR H 81 48.50 17.31 12.54
C THR H 81 48.90 17.47 14.00
N GLY H 82 47.91 17.40 14.89
CA GLY H 82 48.14 17.69 16.28
C GLY H 82 47.81 19.14 16.61
N GLN H 83 48.55 19.64 17.61
CA GLN H 83 48.35 20.95 18.19
C GLN H 83 48.49 22.05 17.14
N ARG H 84 49.09 21.71 15.99
CA ARG H 84 49.54 22.71 15.02
C ARG H 84 48.38 23.45 14.37
N SER H 85 47.21 22.79 14.23
CA SER H 85 46.07 23.38 13.54
C SER H 85 45.15 24.12 14.51
N ASP H 86 44.46 25.15 14.00
CA ASP H 86 43.47 25.89 14.77
C ASP H 86 42.07 25.52 14.32
N ARG H 87 41.15 25.39 15.30
CA ARG H 87 39.78 24.96 15.07
C ARG H 87 39.05 25.93 14.12
N PHE H 88 37.89 25.48 13.59
CA PHE H 88 37.10 26.33 12.70
C PHE H 88 35.61 26.23 12.94
N TYR H 89 35.17 25.23 13.73
CA TYR H 89 33.76 25.14 14.07
C TYR H 89 33.50 25.64 15.48
N HIS H 90 32.21 25.81 15.79
CA HIS H 90 31.78 26.41 17.04
C HIS H 90 31.07 25.33 17.84
N ALA H 91 31.78 24.75 18.80
CA ALA H 91 31.22 23.68 19.59
C ALA H 91 30.51 24.25 20.81
N VAL H 92 29.17 24.22 20.80
CA VAL H 92 28.40 24.69 21.94
C VAL H 92 27.58 23.56 22.55
N ALA H 93 27.49 23.58 23.87
CA ALA H 93 26.62 22.68 24.60
C ALA H 93 25.17 23.05 24.36
N PHE H 94 24.47 22.28 23.52
CA PHE H 94 23.09 22.58 23.16
C PHE H 94 22.16 22.35 24.35
N THR H 95 22.53 21.40 25.21
CA THR H 95 21.81 21.10 26.44
C THR H 95 22.82 21.00 27.58
N PRO H 96 22.38 20.75 28.83
CA PRO H 96 23.29 20.31 29.88
C PRO H 96 24.08 19.09 29.44
N VAL H 97 25.42 19.16 29.58
CA VAL H 97 26.29 18.14 29.03
C VAL H 97 27.40 17.68 29.99
N GLN H 98 27.71 16.39 29.90
CA GLN H 98 28.86 15.79 30.55
C GLN H 98 29.80 15.31 29.45
N LEU H 99 31.12 15.51 29.64
CA LEU H 99 32.09 15.02 28.67
C LEU H 99 33.49 14.79 29.24
N PHE H 100 34.28 14.01 28.49
CA PHE H 100 35.70 13.81 28.75
C PHE H 100 36.51 14.64 27.76
N SER H 101 37.74 15.00 28.12
CA SER H 101 38.54 15.88 27.27
C SER H 101 40.03 15.56 27.39
N VAL H 102 40.51 14.56 26.65
CA VAL H 102 41.90 14.13 26.74
C VAL H 102 42.74 14.79 25.66
N PRO H 103 44.01 15.14 25.97
CA PRO H 103 44.91 15.73 24.99
C PRO H 103 45.42 14.76 23.93
N ILE H 104 45.99 15.34 22.88
CA ILE H 104 46.59 14.61 21.76
C ILE H 104 47.88 13.91 22.20
N GLU H 105 48.70 14.56 23.02
CA GLU H 105 50.00 14.03 23.45
C GLU H 105 49.81 12.91 24.48
N PHE H 106 48.78 13.01 25.32
CA PHE H 106 48.37 11.94 26.22
C PHE H 106 47.74 10.79 25.44
N MET H 107 47.20 11.11 24.26
CA MET H 107 46.56 10.12 23.41
C MET H 107 47.61 9.33 22.62
N GLN H 108 48.68 10.00 22.19
CA GLN H 108 49.79 9.36 21.49
C GLN H 108 50.29 8.16 22.30
N LYS H 109 50.49 8.40 23.60
CA LYS H 109 50.85 7.40 24.61
C LYS H 109 49.73 6.36 24.75
N ALA H 110 48.46 6.80 24.80
CA ALA H 110 47.31 5.96 25.08
C ALA H 110 47.03 4.96 23.97
N LEU H 111 47.43 5.28 22.74
CA LEU H 111 47.15 4.46 21.57
C LEU H 111 48.11 3.28 21.50
N ILE H 112 49.40 3.56 21.72
CA ILE H 112 50.45 2.55 21.73
C ILE H 112 50.33 1.69 23.00
N GLU H 113 49.83 2.30 24.09
CA GLU H 113 49.50 1.60 25.33
C GLU H 113 48.45 0.52 25.07
N ARG H 114 47.28 0.94 24.55
CA ARG H 114 46.16 0.04 24.39
C ARG H 114 45.70 0.00 22.93
N PRO H 115 45.97 -1.11 22.21
CA PRO H 115 45.31 -1.36 20.92
C PRO H 115 43.85 -1.83 21.06
N GLU H 116 43.41 -2.04 22.31
CA GLU H 116 42.02 -2.29 22.63
C GLU H 116 41.22 -1.00 22.47
N LEU H 117 41.81 0.12 22.91
CA LEU H 117 41.20 1.44 22.77
C LEU H 117 41.21 1.89 21.31
N ALA H 118 42.27 1.57 20.58
CA ALA H 118 42.38 1.85 19.15
C ALA H 118 41.16 1.30 18.39
N ASN H 119 40.77 0.07 18.75
CA ASN H 119 39.59 -0.58 18.21
C ASN H 119 38.35 0.22 18.57
N VAL H 120 38.21 0.55 19.86
CA VAL H 120 37.02 1.21 20.36
C VAL H 120 36.96 2.64 19.84
N MET H 121 38.10 3.24 19.50
CA MET H 121 38.13 4.59 18.96
C MET H 121 37.67 4.60 17.50
N LEU H 122 38.19 3.69 16.68
CA LEU H 122 37.80 3.64 15.28
C LEU H 122 36.32 3.28 15.15
N GLN H 123 35.77 2.57 16.13
CA GLN H 123 34.34 2.31 16.19
C GLN H 123 33.58 3.61 16.35
N GLY H 124 34.04 4.46 17.25
CA GLY H 124 33.44 5.76 17.48
C GLY H 124 33.50 6.68 16.26
N LEU H 125 34.67 6.72 15.60
CA LEU H 125 34.85 7.55 14.43
C LEU H 125 34.02 7.03 13.26
N SER H 126 33.85 5.73 13.14
CA SER H 126 32.98 5.14 12.13
C SER H 126 31.59 5.72 12.25
N SER H 127 31.02 5.63 13.46
CA SER H 127 29.68 6.15 13.74
C SER H 127 29.51 7.59 13.26
N ARG H 128 30.57 8.38 13.43
CA ARG H 128 30.55 9.78 13.03
C ARG H 128 30.40 9.90 11.52
N ILE H 129 31.19 9.12 10.77
CA ILE H 129 31.13 9.17 9.32
C ILE H 129 29.67 8.98 8.89
N LEU H 130 29.04 7.90 9.36
CA LEU H 130 27.67 7.55 8.95
C LEU H 130 26.69 8.66 9.32
N GLN H 131 26.75 9.15 10.56
CA GLN H 131 25.83 10.16 11.04
C GLN H 131 25.97 11.43 10.22
N THR H 132 27.20 11.77 9.81
CA THR H 132 27.46 12.92 8.97
C THR H 132 26.95 12.66 7.57
N GLU H 133 27.14 11.43 7.10
CA GLU H 133 26.67 11.04 5.78
C GLU H 133 25.15 11.01 5.77
N MET H 134 24.54 10.59 6.89
CA MET H 134 23.10 10.54 7.06
C MET H 134 22.51 11.93 6.83
N MET H 135 23.21 12.93 7.33
CA MET H 135 22.78 14.31 7.22
C MET H 135 22.86 14.75 5.76
N ILE H 136 23.86 14.25 5.02
CA ILE H 136 23.99 14.58 3.61
C ILE H 136 22.74 14.16 2.85
N GLU H 137 22.26 12.94 3.12
CA GLU H 137 21.02 12.45 2.53
C GLU H 137 19.89 13.45 2.74
N THR H 138 19.71 13.89 4.00
CA THR H 138 18.65 14.79 4.39
C THR H 138 18.69 16.09 3.57
N LEU H 139 19.83 16.76 3.56
CA LEU H 139 19.94 18.06 2.90
C LEU H 139 19.97 17.93 1.38
N ALA H 140 20.20 16.72 0.85
CA ALA H 140 20.25 16.49 -0.59
C ALA H 140 18.85 16.43 -1.21
N HIS H 141 17.83 16.50 -0.37
CA HIS H 141 16.47 16.56 -0.85
C HIS H 141 16.23 17.91 -1.50
N ARG H 142 15.12 17.98 -2.20
CA ARG H 142 14.73 19.13 -3.02
C ARG H 142 13.55 19.76 -2.29
N ASP H 143 12.55 18.90 -1.98
CA ASP H 143 11.34 19.30 -1.27
C ASP H 143 11.73 19.64 0.16
N MET H 144 11.53 20.90 0.54
CA MET H 144 11.84 21.35 1.90
C MET H 144 10.95 20.63 2.89
N GLY H 145 9.74 20.24 2.48
CA GLY H 145 8.86 19.40 3.30
C GLY H 145 9.50 18.05 3.61
N SER H 146 9.98 17.37 2.57
CA SER H 146 10.67 16.09 2.69
C SER H 146 11.96 16.28 3.48
N ARG H 147 12.67 17.37 3.22
CA ARG H 147 13.94 17.67 3.87
C ARG H 147 13.76 17.84 5.38
N LEU H 148 12.69 18.52 5.79
CA LEU H 148 12.42 18.76 7.20
C LEU H 148 12.11 17.47 7.94
N VAL H 149 11.23 16.63 7.38
CA VAL H 149 10.83 15.38 8.01
C VAL H 149 12.05 14.47 8.17
N SER H 150 12.87 14.37 7.13
CA SER H 150 14.10 13.60 7.17
C SER H 150 14.95 14.02 8.36
N PHE H 151 15.09 15.33 8.55
CA PHE H 151 15.83 15.88 9.68
C PHE H 151 15.15 15.55 11.00
N LEU H 152 13.82 15.66 11.04
CA LEU H 152 13.06 15.36 12.24
C LEU H 152 13.25 13.90 12.62
N LEU H 153 13.32 13.01 11.65
CA LEU H 153 13.53 11.60 11.88
C LEU H 153 14.87 11.39 12.59
N ILE H 154 15.91 12.14 12.22
CA ILE H 154 17.22 11.98 12.82
C ILE H 154 17.17 12.39 14.28
N LEU H 155 16.54 13.55 14.55
CA LEU H 155 16.39 14.02 15.92
C LEU H 155 15.64 12.99 16.75
N CYS H 156 14.56 12.43 16.21
CA CYS H 156 13.79 11.38 16.88
C CYS H 156 14.64 10.14 17.12
N ARG H 157 15.56 9.86 16.19
CA ARG H 157 16.45 8.72 16.30
C ARG H 157 17.47 8.93 17.41
N ASP H 158 17.95 10.17 17.56
CA ASP H 158 19.05 10.46 18.46
C ASP H 158 18.57 10.95 19.82
N PHE H 159 17.45 11.69 19.87
CA PHE H 159 17.05 12.34 21.11
C PHE H 159 15.60 12.06 21.47
N GLY H 160 14.90 11.23 20.69
CA GLY H 160 13.49 10.97 20.94
C GLY H 160 13.30 10.05 22.15
N ILE H 161 12.29 10.38 22.95
CA ILE H 161 11.88 9.52 24.06
C ILE H 161 10.47 9.01 23.82
N PRO H 162 10.15 7.79 24.29
CA PRO H 162 8.79 7.25 24.23
C PRO H 162 7.77 8.16 24.89
N SER H 163 6.61 8.32 24.24
CA SER H 163 5.54 9.17 24.72
C SER H 163 4.19 8.50 24.58
N PRO H 164 3.17 8.97 25.34
CA PRO H 164 1.81 8.41 25.30
C PRO H 164 1.25 8.10 23.92
N ASP H 165 1.39 9.04 22.98
CA ASP H 165 0.76 8.94 21.66
C ASP H 165 1.79 8.93 20.53
N GLY H 166 3.07 9.18 20.84
CA GLY H 166 4.10 9.25 19.81
C GLY H 166 5.49 9.29 20.38
N ILE H 167 6.36 10.09 19.74
CA ILE H 167 7.76 10.25 20.13
C ILE H 167 8.07 11.74 20.31
N THR H 168 8.31 12.13 21.57
CA THR H 168 8.72 13.49 21.89
C THR H 168 10.24 13.56 21.80
N ILE H 169 10.75 14.47 20.96
CA ILE H 169 12.19 14.63 20.84
C ILE H 169 12.65 15.35 22.09
N ASP H 170 13.41 14.64 22.93
CA ASP H 170 13.75 15.09 24.27
C ASP H 170 14.84 16.18 24.22
N LEU H 171 14.50 17.30 23.59
CA LEU H 171 15.32 18.51 23.64
C LEU H 171 14.47 19.69 23.16
N LYS H 172 14.74 20.86 23.73
CA LYS H 172 14.03 22.06 23.33
C LYS H 172 14.73 22.68 22.12
N LEU H 173 13.98 22.91 21.03
CA LEU H 173 14.56 23.33 19.77
C LEU H 173 13.88 24.60 19.26
N SER H 174 14.70 25.58 18.87
CA SER H 174 14.19 26.83 18.34
C SER H 174 14.00 26.68 16.83
N HIS H 175 13.06 27.45 16.29
CA HIS H 175 12.74 27.35 14.88
C HIS H 175 13.92 27.75 14.04
N GLN H 176 14.67 28.75 14.51
CA GLN H 176 15.87 29.21 13.82
C GLN H 176 16.94 28.11 13.85
N ALA H 177 17.12 27.43 15.00
CA ALA H 177 18.10 26.36 15.14
C ALA H 177 17.82 25.25 14.13
N ILE H 178 16.53 24.96 13.89
CA ILE H 178 16.16 23.99 12.88
C ILE H 178 16.50 24.56 11.50
N ALA H 179 16.12 25.81 11.27
CA ALA H 179 16.38 26.46 10.00
C ALA H 179 17.87 26.53 9.68
N GLU H 180 18.72 26.67 10.68
CA GLU H 180 20.15 26.74 10.50
C GLU H 180 20.71 25.38 10.05
N ALA H 181 20.04 24.28 10.45
CA ALA H 181 20.52 22.92 10.20
C ALA H 181 20.07 22.40 8.82
N ILE H 182 18.93 22.90 8.33
CA ILE H 182 18.33 22.40 7.10
C ILE H 182 18.41 23.42 5.96
N GLY H 183 19.16 24.51 6.17
CA GLY H 183 19.42 25.49 5.12
C GLY H 183 18.16 26.27 4.72
N SER H 184 17.53 26.90 5.71
CA SER H 184 16.26 27.59 5.50
C SER H 184 16.11 28.74 6.49
N THR H 185 15.00 29.47 6.36
CA THR H 185 14.64 30.53 7.27
C THR H 185 13.70 30.00 8.35
N ARG H 186 13.64 30.71 9.46
CA ARG H 186 12.77 30.35 10.56
C ARG H 186 11.31 30.27 10.09
N VAL H 187 10.96 31.17 9.17
CA VAL H 187 9.61 31.34 8.65
C VAL H 187 9.08 30.05 8.05
N THR H 188 9.90 29.49 7.14
CA THR H 188 9.54 28.32 6.36
C THR H 188 9.40 27.09 7.26
N VAL H 189 10.31 26.98 8.23
CA VAL H 189 10.21 25.94 9.24
C VAL H 189 8.84 26.02 9.92
N THR H 190 8.44 27.22 10.37
CA THR H 190 7.18 27.44 11.06
C THR H 190 6.00 27.06 10.20
N ARG H 191 6.04 27.50 8.93
CA ARG H 191 4.95 27.23 8.00
C ARG H 191 4.81 25.73 7.79
N LEU H 192 5.93 25.04 7.53
CA LEU H 192 5.91 23.61 7.26
C LEU H 192 5.44 22.83 8.48
N LEU H 193 5.86 23.26 9.68
CA LEU H 193 5.44 22.64 10.93
C LEU H 193 3.93 22.78 11.10
N GLY H 194 3.41 23.96 10.80
CA GLY H 194 1.99 24.21 10.86
C GLY H 194 1.19 23.30 9.94
N ASP H 195 1.77 22.99 8.76
CA ASP H 195 1.16 22.08 7.80
C ASP H 195 1.20 20.63 8.29
N LEU H 196 2.17 20.31 9.17
CA LEU H 196 2.26 19.01 9.80
C LEU H 196 1.25 18.92 10.95
N ARG H 197 0.91 20.05 11.57
CA ARG H 197 -0.10 20.08 12.61
C ARG H 197 -1.50 19.87 12.04
N GLU H 198 -1.71 20.39 10.82
CA GLU H 198 -2.98 20.23 10.12
C GLU H 198 -3.12 18.82 9.57
N SER H 199 -1.97 18.21 9.19
CA SER H 199 -1.92 16.82 8.76
C SER H 199 -1.94 15.89 9.97
N LYS H 200 -1.91 16.50 11.19
CA LYS H 200 -1.95 15.81 12.48
C LYS H 200 -0.81 14.78 12.60
N LEU H 201 0.39 15.16 12.16
CA LEU H 201 1.53 14.27 12.17
C LEU H 201 2.45 14.63 13.32
N ILE H 202 2.41 15.89 13.78
CA ILE H 202 3.21 16.33 14.92
C ILE H 202 2.35 17.12 15.91
N ALA H 203 2.94 17.34 17.10
CA ALA H 203 2.37 18.21 18.12
C ALA H 203 3.50 18.76 18.97
N ILE H 204 3.41 20.06 19.29
CA ILE H 204 4.38 20.72 20.15
C ILE H 204 3.82 20.90 21.55
N HIS H 205 4.34 20.09 22.45
CA HIS H 205 3.91 20.03 23.83
C HIS H 205 5.11 20.39 24.70
N LYS H 206 4.97 21.48 25.46
CA LYS H 206 6.06 22.05 26.25
C LYS H 206 7.29 22.32 25.38
N LYS H 207 7.06 22.98 24.22
CA LYS H 207 8.09 23.47 23.32
C LYS H 207 8.91 22.33 22.70
N ARG H 208 8.39 21.10 22.76
CA ARG H 208 9.08 19.96 22.18
C ARG H 208 8.25 19.32 21.06
N ILE H 209 8.92 18.98 19.95
CA ILE H 209 8.26 18.36 18.82
C ILE H 209 7.98 16.88 19.11
N THR H 210 6.75 16.46 18.79
CA THR H 210 6.33 15.09 19.00
C THR H 210 5.71 14.54 17.72
N VAL H 211 6.37 13.52 17.17
CA VAL H 211 5.85 12.92 15.92
C VAL H 211 4.93 11.78 16.32
N PHE H 212 4.20 11.26 15.35
CA PHE H 212 3.30 10.13 15.64
C PHE H 212 3.75 8.94 14.78
N ASN H 213 3.77 7.76 15.38
CA ASN H 213 4.27 6.56 14.66
C ASN H 213 5.21 7.03 13.57
N PRO H 214 6.34 7.67 13.93
CA PRO H 214 7.22 8.21 12.92
C PRO H 214 7.41 7.13 11.86
N VAL H 215 7.49 5.88 12.28
CA VAL H 215 7.61 4.77 11.30
C VAL H 215 6.88 5.21 10.04
N ALA H 216 5.60 5.55 10.18
CA ALA H 216 4.77 5.86 9.04
C ALA H 216 5.40 6.98 8.19
N LEU H 217 6.04 7.95 8.85
CA LEU H 217 6.65 9.08 8.18
C LEU H 217 7.84 8.61 7.34
N SER H 218 8.60 7.63 7.86
CA SER H 218 9.77 7.07 7.21
C SER H 218 9.40 6.28 5.97
N GLN H 219 8.23 5.68 5.96
CA GLN H 219 7.94 4.92 4.74
C GLN H 219 7.95 5.90 3.58
N GLN H 220 7.37 7.06 3.83
CA GLN H 220 7.19 8.03 2.74
C GLN H 220 8.54 8.32 2.08
N PHE H 221 9.59 7.88 2.75
CA PHE H 221 10.93 8.23 2.24
C PHE H 221 11.54 6.96 1.67
N SER H 222 10.68 6.00 1.35
CA SER H 222 11.22 4.81 0.67
C SER H 222 12.50 5.26 -0.05
N GLU K 4 5.52 -1.13 17.04
CA GLU K 4 5.71 0.34 17.28
C GLU K 4 6.27 0.58 18.68
N ASN K 5 6.97 -0.40 19.28
CA ASN K 5 7.56 -0.24 20.59
C ASN K 5 9.02 0.24 20.46
N TYR K 6 9.45 1.13 21.37
CA TYR K 6 10.74 1.80 21.22
C TYR K 6 11.73 1.42 22.32
N LEU K 7 13.02 1.51 21.98
CA LEU K 7 14.11 1.13 22.85
C LEU K 7 15.37 1.91 22.46
N ASN K 8 16.06 2.48 23.45
CA ASN K 8 17.25 3.29 23.22
C ASN K 8 18.53 2.44 23.32
N HIS K 9 19.17 2.21 22.17
CA HIS K 9 20.46 1.55 22.08
C HIS K 9 21.54 2.54 22.45
N PRO K 10 22.48 2.17 23.34
CA PRO K 10 23.56 3.07 23.76
C PRO K 10 24.32 3.72 22.60
N THR K 11 24.70 2.93 21.60
CA THR K 11 25.52 3.44 20.50
C THR K 11 24.65 4.03 19.39
N PHE K 12 23.59 3.28 18.98
CA PHE K 12 22.86 3.60 17.76
C PHE K 12 21.57 4.39 17.99
N GLY K 13 21.25 4.67 19.26
CA GLY K 13 20.12 5.52 19.61
C GLY K 13 18.79 4.77 19.53
N LEU K 14 17.74 5.44 19.04
CA LEU K 14 16.39 4.90 19.09
C LEU K 14 16.22 3.71 18.15
N LEU K 15 15.53 2.69 18.67
CA LEU K 15 15.13 1.52 17.91
C LEU K 15 13.62 1.29 18.07
N TYR K 16 13.05 0.55 17.12
CA TYR K 16 11.64 0.21 17.19
C TYR K 16 11.39 -1.27 16.84
N GLN K 17 10.40 -1.85 17.54
CA GLN K 17 10.09 -3.26 17.46
C GLN K 17 9.40 -3.62 16.15
N ILE K 18 9.87 -4.72 15.56
CA ILE K 18 9.30 -5.28 14.35
C ILE K 18 8.30 -6.37 14.75
N CYS K 19 8.79 -7.43 15.41
CA CYS K 19 7.95 -8.55 15.78
C CYS K 19 8.48 -9.27 17.02
N SER K 20 7.60 -10.03 17.66
CA SER K 20 7.96 -10.92 18.75
C SER K 20 8.13 -12.34 18.20
N PHE K 21 8.78 -13.21 18.98
CA PHE K 21 9.00 -14.60 18.58
C PHE K 21 8.55 -15.56 19.69
N GLY K 22 9.27 -15.55 20.83
CA GLY K 22 9.10 -16.56 21.86
C GLY K 22 10.37 -17.35 22.20
N SER K 24 10.87 -14.79 25.05
CA SER K 24 10.26 -13.91 24.02
C SER K 24 11.29 -12.88 23.52
N LYS K 25 11.94 -13.23 22.42
CA LYS K 25 12.86 -12.32 21.76
C LYS K 25 12.06 -11.50 20.80
N GLU K 26 12.22 -10.18 20.85
CA GLU K 26 11.54 -9.31 19.92
C GLU K 26 12.56 -8.73 18.96
N LEU K 27 12.11 -8.44 17.75
CA LEU K 27 12.99 -7.93 16.72
C LEU K 27 12.89 -6.41 16.68
N PHE K 28 14.04 -5.73 16.62
CA PHE K 28 14.04 -4.27 16.65
C PHE K 28 14.89 -3.77 15.49
N ALA K 29 14.71 -2.50 15.14
CA ALA K 29 15.44 -1.92 14.02
C ALA K 29 15.69 -0.42 14.20
N THR K 30 16.67 0.10 13.45
CA THR K 30 17.02 1.51 13.44
C THR K 30 15.92 2.35 12.80
N LEU K 31 15.83 3.63 13.15
CA LEU K 31 14.69 4.48 12.80
C LEU K 31 14.84 5.16 11.44
N TYR K 32 16.05 5.55 11.06
CA TYR K 32 16.28 6.19 9.76
C TYR K 32 16.51 5.13 8.69
N ALA K 33 15.41 4.73 8.03
CA ALA K 33 15.42 3.82 6.88
C ALA K 33 15.83 2.37 7.19
N GLN K 34 15.87 1.99 8.48
CA GLN K 34 16.06 0.62 8.95
C GLN K 34 17.20 -0.09 8.21
N ARG K 35 18.43 0.38 8.42
CA ARG K 35 19.59 -0.24 7.79
C ARG K 35 20.15 -1.37 8.67
N LEU K 36 19.82 -1.36 9.97
CA LEU K 36 20.29 -2.37 10.91
C LEU K 36 19.15 -2.92 11.77
N PHE K 37 19.32 -4.17 12.23
CA PHE K 37 18.28 -4.87 12.96
C PHE K 37 18.87 -5.58 14.18
N PHE K 38 18.10 -5.64 15.28
CA PHE K 38 18.63 -6.12 16.56
C PHE K 38 17.71 -7.14 17.22
N LEU K 39 18.31 -8.23 17.74
CA LEU K 39 17.58 -9.24 18.49
C LEU K 39 17.86 -8.95 19.95
N VAL K 40 16.83 -8.85 20.79
CA VAL K 40 17.02 -8.38 22.15
C VAL K 40 16.68 -9.49 23.13
N ALA K 41 17.32 -9.51 24.29
CA ALA K 41 17.07 -10.50 25.33
C ALA K 41 16.88 -9.78 26.66
N PHE K 42 15.62 -9.63 27.10
CA PHE K 42 15.34 -8.85 28.31
C PHE K 42 15.59 -9.69 29.57
N ASP K 43 16.81 -10.22 29.71
CA ASP K 43 17.15 -11.09 30.82
C ASP K 43 17.22 -10.23 32.09
N ALA K 44 17.17 -10.89 33.25
CA ALA K 44 17.53 -10.22 34.49
C ALA K 44 18.89 -9.55 34.32
N ARG K 45 19.84 -10.22 33.66
CA ARG K 45 21.12 -9.61 33.36
C ARG K 45 20.87 -8.21 32.78
N GLY K 46 19.76 -8.07 32.08
CA GLY K 46 19.34 -6.76 31.57
C GLY K 46 19.00 -6.87 30.10
N THR K 47 19.43 -5.87 29.35
CA THR K 47 19.14 -5.79 27.93
C THR K 47 20.29 -6.41 27.15
N ARG K 48 20.10 -7.64 26.66
CA ARG K 48 21.09 -8.30 25.84
C ARG K 48 20.73 -8.08 24.37
N PHE K 49 21.69 -7.65 23.55
CA PHE K 49 21.44 -7.28 22.16
C PHE K 49 22.15 -8.28 21.24
N GLU K 50 21.73 -8.38 19.99
CA GLU K 50 22.41 -9.25 19.03
C GLU K 50 22.08 -8.78 17.63
N PRO K 51 23.05 -8.14 16.96
CA PRO K 51 22.84 -7.54 15.64
C PRO K 51 22.70 -8.56 14.51
N ILE K 52 21.81 -8.26 13.54
CA ILE K 52 21.63 -9.08 12.33
C ILE K 52 21.44 -8.20 11.10
N GLY K 53 21.73 -8.78 9.92
CA GLY K 53 21.70 -8.05 8.66
C GLY K 53 20.37 -8.19 7.91
N ARG K 54 20.25 -7.41 6.83
CA ARG K 54 19.02 -7.31 6.05
C ARG K 54 18.58 -8.68 5.55
N ASN K 55 19.52 -9.43 4.95
CA ASN K 55 19.20 -10.71 4.34
C ASN K 55 18.58 -11.68 5.34
N GLU K 56 19.18 -11.78 6.54
CA GLU K 56 18.68 -12.66 7.57
C GLU K 56 17.36 -12.12 8.14
N ALA K 57 17.32 -10.81 8.41
CA ALA K 57 16.17 -10.21 9.08
C ALA K 57 14.93 -10.21 8.18
N ARG K 58 15.14 -10.16 6.86
CA ARG K 58 14.02 -10.19 5.92
C ARG K 58 13.29 -11.53 6.01
N MET K 59 14.04 -12.62 5.84
CA MET K 59 13.48 -13.96 5.84
C MET K 59 12.92 -14.32 7.22
N LEU K 60 13.39 -13.67 8.28
CA LEU K 60 12.97 -13.97 9.64
C LEU K 60 11.57 -13.42 9.95
N VAL K 61 11.26 -12.19 9.50
CA VAL K 61 9.93 -11.65 9.65
C VAL K 61 9.01 -12.40 8.70
N ASP K 62 9.55 -12.82 7.54
CA ASP K 62 8.83 -13.57 6.53
C ASP K 62 8.35 -14.88 7.13
N ASN K 63 9.22 -15.56 7.91
CA ASN K 63 8.88 -16.79 8.60
C ASN K 63 7.73 -16.61 9.59
N ARG K 64 7.74 -15.50 10.34
CA ARG K 64 6.72 -15.20 11.35
C ARG K 64 5.36 -14.97 10.69
N LEU K 65 5.35 -14.34 9.51
CA LEU K 65 4.12 -14.13 8.76
C LEU K 65 3.50 -15.47 8.36
N ARG K 66 4.32 -16.36 7.84
CA ARG K 66 3.89 -17.71 7.52
C ARG K 66 3.41 -18.46 8.76
N GLN K 67 4.01 -18.21 9.92
CA GLN K 67 3.67 -18.90 11.16
C GLN K 67 2.28 -18.48 11.69
N LEU K 68 1.95 -17.20 11.55
CA LEU K 68 0.67 -16.67 12.02
C LEU K 68 -0.51 -17.14 11.16
N ARG K 69 -0.33 -17.29 9.84
CA ARG K 69 -1.40 -17.77 8.98
C ARG K 69 -1.73 -19.23 9.32
N ARG K 70 -0.69 -20.07 9.48
CA ARG K 70 -0.81 -21.50 9.71
C ARG K 70 -1.48 -21.79 11.05
N ASP K 71 -0.84 -21.34 12.12
CA ASP K 71 -1.37 -21.79 13.41
C ASP K 71 -1.65 -20.59 14.29
N ALA K 72 -2.11 -19.51 13.68
CA ALA K 72 -2.25 -18.33 14.56
C ALA K 72 -3.41 -17.44 14.15
N SER K 73 -3.52 -16.30 14.82
CA SER K 73 -4.70 -15.43 14.61
C SER K 73 -4.57 -14.57 13.36
N LEU K 74 -5.43 -13.56 13.31
CA LEU K 74 -5.44 -12.68 12.14
C LEU K 74 -5.12 -11.27 12.58
N GLN K 75 -5.78 -10.80 13.67
CA GLN K 75 -5.42 -9.40 13.93
C GLN K 75 -3.90 -9.19 13.86
N GLU K 76 -3.12 -10.07 14.49
CA GLU K 76 -1.67 -9.90 14.59
C GLU K 76 -1.00 -10.14 13.24
N TYR K 77 -1.62 -10.97 12.40
CA TYR K 77 -1.15 -11.22 11.04
C TYR K 77 -1.26 -9.95 10.20
N ASN K 78 -2.40 -9.26 10.32
CA ASN K 78 -2.73 -8.09 9.52
C ASN K 78 -1.77 -6.94 9.84
N GLN K 79 -1.49 -6.73 11.14
CA GLN K 79 -0.67 -5.61 11.59
C GLN K 79 0.82 -5.86 11.29
N LEU K 80 1.29 -7.11 11.42
CA LEU K 80 2.67 -7.45 11.07
C LEU K 80 2.88 -7.35 9.56
N GLN K 81 1.79 -7.53 8.83
CA GLN K 81 1.77 -7.41 7.39
C GLN K 81 2.16 -6.00 6.98
N GLN K 82 1.57 -4.99 7.65
CA GLN K 82 1.86 -3.60 7.37
C GLN K 82 3.32 -3.31 7.73
N VAL K 83 3.81 -3.88 8.85
CA VAL K 83 5.17 -3.69 9.32
C VAL K 83 6.19 -4.18 8.27
N PHE K 84 5.94 -5.37 7.73
CA PHE K 84 6.81 -5.96 6.74
C PHE K 84 6.84 -5.12 5.48
N LYS K 85 5.68 -4.69 5.00
CA LYS K 85 5.64 -3.90 3.77
C LYS K 85 6.28 -2.54 3.96
N GLN K 86 6.30 -2.06 5.21
CA GLN K 86 6.94 -0.80 5.58
C GLN K 86 8.46 -0.89 5.50
N THR K 87 9.02 -1.98 6.06
CA THR K 87 10.46 -2.16 6.16
C THR K 87 11.07 -2.64 4.83
N PHE K 88 10.50 -3.69 4.20
CA PHE K 88 11.07 -4.30 3.00
C PHE K 88 10.12 -4.19 1.80
C1 AKG L . -18.54 -15.68 -3.08
O1 AKG L . -18.62 -16.89 -3.21
O2 AKG L . -19.47 -14.92 -3.35
C2 AKG L . -17.44 -15.21 -2.63
O5 AKG L . -17.09 -15.51 -1.50
C3 AKG L . -16.51 -14.37 -3.46
C4 AKG L . -15.12 -14.96 -3.41
C5 AKG L . -15.00 -16.38 -3.93
O3 AKG L . -15.98 -16.89 -4.49
O4 AKG L . -13.92 -16.98 -3.75
C1 AKG M . -28.29 -7.79 -14.46
O1 AKG M . -27.92 -8.87 -14.90
O2 AKG M . -27.66 -7.10 -13.66
C2 AKG M . -29.39 -7.34 -14.96
O5 AKG M . -29.67 -7.61 -16.14
C3 AKG M . -30.43 -6.67 -14.10
C4 AKG M . -31.89 -6.93 -14.46
C5 AKG M . -32.29 -8.35 -14.85
O3 AKG M . -31.60 -9.34 -14.39
O4 AKG M . -33.29 -8.46 -15.62
C1 AKG N . 31.69 4.28 3.89
O1 AKG N . 32.88 4.12 4.14
O2 AKG N . 31.12 5.35 4.00
C2 AKG N . 31.03 3.24 3.50
O5 AKG N . 31.59 2.43 2.78
C3 AKG N . 29.59 2.99 3.88
C4 AKG N . 29.16 1.58 3.53
C5 AKG N . 29.87 0.51 4.33
O3 AKG N . 30.71 0.87 5.16
O4 AKG N . 29.57 -0.68 4.13
C1 AKG O . 34.11 17.07 14.86
O1 AKG O . 34.60 16.52 15.82
O2 AKG O . 33.33 16.52 14.09
C2 AKG O . 34.46 18.29 14.68
O5 AKG O . 34.66 19.00 15.66
C3 AKG O . 34.67 18.88 13.31
C4 AKG O . 35.66 20.02 13.37
C5 AKG O . 37.05 19.65 13.85
O3 AKG O . 37.27 18.46 14.17
O4 AKG O . 37.90 20.54 13.89
#